data_8V35
#
_entry.id   8V35
#
_cell.length_a   77.032
_cell.length_b   87.767
_cell.length_c   134.800
_cell.angle_alpha   90.000
_cell.angle_beta   90.000
_cell.angle_gamma   90.000
#
_symmetry.space_group_name_H-M   'P 21 21 21'
#
loop_
_entity.id
_entity.type
_entity.pdbx_description
1 polymer 'Sulfopropanediol 3-dehydrogenase'
2 non-polymer 1,2-ETHANEDIOL
3 non-polymer 'ZINC ION'
4 water water
#
_entity_poly.entity_id   1
_entity_poly.type   'polypeptide(L)'
_entity_poly.pdbx_seq_one_letter_code
;GMISYLKKAEKTPQTETATAQKVVTEMLAEIQARGKDAVRQYAKQLDGWSGDIVLTPDQIREQTKDVPAGVRADIDFAIR
QVTDFALAQRESLKEFSVELHPGVTAGQRVLPVNVVGCYAPAGRYAHIASAYMGVATAKAAGVKTVVACSSPFRGQGIHP
HVLYAFQAAGADVIMALGGVQAIASMAYGLFTGKPADVVVGPGNKFVAEAKRSLYGQVGIDVFAGPSEVAVIADETADPA
IVASDLVGQAEHGHESPAWLFTTSRDLADRVMALVPELIAKLPPTARDAATAAWRDYGEVILCGTREEVVEISDRYASEH
LEVHTADLDWWLANLTCYGSLFLGEETTVAFGDKTSGPNHVLPTKGAARYSGGLSVHKFMKTLTWQQMTREATRQIGQVT
ARISRLEGMEAHARTADDRMAKYFPNASFEMGTPVEV
;
_entity_poly.pdbx_strand_id   A,B
#
# COMPACT_ATOMS: atom_id res chain seq x y z
N GLY A 1 19.14 -13.01 -27.34
CA GLY A 1 17.76 -13.02 -27.84
C GLY A 1 16.98 -14.24 -27.35
N MET A 2 17.47 -15.43 -27.73
CA MET A 2 16.75 -16.67 -27.50
C MET A 2 16.94 -17.13 -26.06
N ILE A 3 15.82 -17.17 -25.32
CA ILE A 3 15.75 -17.70 -23.98
C ILE A 3 15.31 -19.17 -24.09
N SER A 4 15.89 -20.03 -23.26
CA SER A 4 15.77 -21.47 -23.42
C SER A 4 15.27 -22.14 -22.14
N TYR A 5 14.08 -22.78 -22.24
CA TYR A 5 13.47 -23.43 -21.09
C TYR A 5 13.89 -24.90 -21.10
N LEU A 6 14.93 -25.21 -20.30
CA LEU A 6 15.41 -26.57 -20.15
C LEU A 6 14.44 -27.39 -19.31
N LYS A 7 13.63 -26.71 -18.49
CA LYS A 7 12.55 -27.36 -17.76
C LYS A 7 11.39 -26.38 -17.62
N LYS A 8 10.18 -26.85 -17.96
CA LYS A 8 9.01 -26.00 -17.98
C LYS A 8 8.06 -26.43 -16.87
N ALA A 9 7.21 -25.50 -16.46
CA ALA A 9 6.13 -25.80 -15.53
C ALA A 9 5.13 -26.69 -16.25
N GLU A 10 4.99 -27.94 -15.76
CA GLU A 10 4.16 -28.94 -16.42
C GLU A 10 2.69 -28.75 -16.06
N LYS A 11 2.41 -27.86 -15.09
CA LYS A 11 1.04 -27.52 -14.73
C LYS A 11 0.94 -26.01 -14.53
N THR A 12 -0.22 -25.45 -14.89
CA THR A 12 -0.50 -24.04 -14.69
C THR A 12 -1.03 -23.83 -13.26
N PRO A 13 -0.70 -22.70 -12.60
CA PRO A 13 -1.29 -22.38 -11.30
C PRO A 13 -2.82 -22.49 -11.26
N GLU A 16 -9.71 -21.42 -9.22
CA GLU A 16 -9.63 -20.91 -7.82
C GLU A 16 -11.01 -20.41 -7.39
N THR A 17 -11.89 -21.36 -7.05
CA THR A 17 -13.30 -21.07 -6.77
C THR A 17 -13.43 -20.18 -5.55
N ALA A 18 -14.26 -19.14 -5.66
CA ALA A 18 -14.48 -18.20 -4.56
C ALA A 18 -15.78 -18.54 -3.83
N THR A 19 -15.82 -19.76 -3.26
CA THR A 19 -16.88 -20.16 -2.36
C THR A 19 -16.53 -19.71 -0.94
N ALA A 20 -15.29 -19.24 -0.77
CA ALA A 20 -14.87 -18.58 0.45
C ALA A 20 -15.68 -17.31 0.68
N GLN A 21 -16.04 -16.63 -0.43
CA GLN A 21 -16.79 -15.38 -0.38
C GLN A 21 -18.09 -15.55 0.40
N LYS A 22 -18.84 -16.63 0.12
CA LYS A 22 -20.12 -16.86 0.76
C LYS A 22 -19.92 -17.00 2.27
N VAL A 23 -18.99 -17.88 2.64
CA VAL A 23 -18.73 -18.21 4.03
C VAL A 23 -18.36 -16.94 4.80
N VAL A 24 -17.47 -16.13 4.24
CA VAL A 24 -16.98 -14.93 4.93
C VAL A 24 -18.15 -13.95 5.10
N THR A 25 -18.85 -13.64 4.01
CA THR A 25 -19.99 -12.74 4.08
C THR A 25 -20.92 -13.15 5.22
N GLU A 26 -21.25 -14.45 5.26
CA GLU A 26 -22.16 -15.01 6.23
C GLU A 26 -21.61 -14.81 7.64
N MET A 27 -20.33 -15.12 7.83
CA MET A 27 -19.71 -15.11 9.14
C MET A 27 -19.61 -13.69 9.68
N LEU A 28 -19.17 -12.75 8.83
CA LEU A 28 -19.04 -11.36 9.23
C LEU A 28 -20.41 -10.80 9.61
N ALA A 29 -21.43 -11.13 8.82
CA ALA A 29 -22.81 -10.72 9.10
C ALA A 29 -23.21 -11.16 10.50
N GLU A 30 -22.95 -12.43 10.83
CA GLU A 30 -23.29 -12.97 12.15
C GLU A 30 -22.50 -12.24 13.23
N ILE A 31 -21.21 -11.97 12.96
CA ILE A 31 -20.33 -11.41 13.99
C ILE A 31 -20.69 -9.95 14.23
N GLN A 32 -21.03 -9.21 13.16
CA GLN A 32 -21.53 -7.85 13.32
C GLN A 32 -22.75 -7.85 14.23
N ALA A 33 -23.62 -8.86 14.07
CA ALA A 33 -24.87 -8.95 14.81
C ALA A 33 -24.63 -9.24 16.30
N ARG A 34 -23.94 -10.36 16.60
CA ARG A 34 -23.87 -10.88 17.97
C ARG A 34 -22.52 -10.63 18.65
N GLY A 35 -21.53 -10.13 17.90
CA GLY A 35 -20.25 -9.81 18.49
C GLY A 35 -19.56 -11.04 19.08
N LYS A 36 -19.24 -10.97 20.38
CA LYS A 36 -18.36 -11.93 21.03
C LYS A 36 -19.01 -13.31 21.07
N ASP A 37 -20.33 -13.35 21.29
CA ASP A 37 -21.05 -14.60 21.46
C ASP A 37 -21.01 -15.41 20.17
N ALA A 38 -21.12 -14.73 19.02
CA ALA A 38 -21.04 -15.37 17.72
C ALA A 38 -19.64 -15.93 17.47
N VAL A 39 -18.62 -15.20 17.94
CA VAL A 39 -17.24 -15.64 17.80
C VAL A 39 -17.03 -16.89 18.66
N ARG A 40 -17.48 -16.82 19.91
CA ARG A 40 -17.32 -17.91 20.86
C ARG A 40 -18.01 -19.17 20.34
N GLN A 41 -19.16 -18.99 19.69
CA GLN A 41 -19.93 -20.10 19.15
C GLN A 41 -19.25 -20.63 17.90
N TYR A 42 -18.63 -19.74 17.09
CA TYR A 42 -17.87 -20.19 15.94
C TYR A 42 -16.65 -21.00 16.41
N ALA A 43 -16.01 -20.55 17.49
CA ALA A 43 -14.88 -21.27 18.06
C ALA A 43 -15.30 -22.69 18.43
N LYS A 44 -16.49 -22.82 19.03
CA LYS A 44 -16.99 -24.11 19.43
C LYS A 44 -17.30 -24.98 18.20
N GLN A 45 -18.08 -24.44 17.27
CA GLN A 45 -18.54 -25.20 16.12
C GLN A 45 -17.37 -25.61 15.21
N LEU A 46 -16.36 -24.75 15.07
CA LEU A 46 -15.31 -24.98 14.09
C LEU A 46 -14.11 -25.68 14.72
N ASP A 47 -13.81 -25.37 15.98
CA ASP A 47 -12.59 -25.85 16.62
C ASP A 47 -12.88 -26.74 17.84
N GLY A 48 -14.13 -26.80 18.30
CA GLY A 48 -14.49 -27.58 19.47
C GLY A 48 -14.00 -26.94 20.77
N TRP A 49 -13.73 -25.63 20.71
CA TRP A 49 -13.09 -24.90 21.79
C TRP A 49 -14.12 -24.26 22.71
N SER A 50 -13.95 -24.45 24.02
CA SER A 50 -14.86 -23.92 25.04
C SER A 50 -14.15 -23.04 26.05
N GLY A 51 -12.81 -22.95 26.00
CA GLY A 51 -12.03 -22.23 27.00
C GLY A 51 -12.08 -20.71 26.81
N ASP A 52 -11.16 -20.02 27.49
CA ASP A 52 -11.06 -18.57 27.44
C ASP A 52 -10.44 -18.14 26.11
N ILE A 53 -10.88 -16.98 25.61
CA ILE A 53 -10.38 -16.43 24.37
C ILE A 53 -9.10 -15.65 24.66
N VAL A 54 -9.20 -14.61 25.50
CA VAL A 54 -8.08 -13.75 25.80
C VAL A 54 -7.21 -14.42 26.85
N LEU A 55 -5.91 -14.59 26.54
CA LEU A 55 -4.99 -15.20 27.47
C LEU A 55 -4.50 -14.17 28.48
N THR A 56 -4.33 -14.63 29.74
CA THR A 56 -3.75 -13.82 30.81
C THR A 56 -2.24 -14.01 30.81
N PRO A 57 -1.44 -13.04 31.33
CA PRO A 57 0.01 -13.22 31.45
C PRO A 57 0.43 -14.48 32.19
N ASP A 58 -0.45 -14.99 33.05
CA ASP A 58 -0.15 -16.19 33.82
C ASP A 58 -0.34 -17.43 32.95
N GLN A 59 -1.42 -17.46 32.15
CA GLN A 59 -1.65 -18.55 31.22
C GLN A 59 -0.53 -18.63 30.18
N ILE A 60 0.00 -17.46 29.78
CA ILE A 60 1.08 -17.38 28.79
C ILE A 60 2.33 -18.06 29.38
N ARG A 61 2.69 -17.69 30.60
CA ARG A 61 3.85 -18.27 31.28
C ARG A 61 3.63 -19.77 31.50
N GLU A 62 2.42 -20.15 31.91
CA GLU A 62 2.10 -21.53 32.21
C GLU A 62 2.25 -22.40 30.96
N GLN A 63 1.63 -21.96 29.86
CA GLN A 63 1.51 -22.78 28.66
C GLN A 63 2.81 -22.83 27.87
N THR A 64 3.79 -21.99 28.24
CA THR A 64 5.10 -21.99 27.58
C THR A 64 6.18 -22.54 28.51
N LYS A 65 5.79 -23.01 29.71
CA LYS A 65 6.76 -23.39 30.74
C LYS A 65 7.60 -24.57 30.28
N ASP A 66 7.03 -25.44 29.44
CA ASP A 66 7.70 -26.64 28.97
C ASP A 66 8.57 -26.37 27.73
N VAL A 67 8.65 -25.12 27.25
CA VAL A 67 9.53 -24.81 26.13
C VAL A 67 10.96 -24.67 26.65
N PRO A 68 11.90 -25.56 26.26
CA PRO A 68 13.26 -25.52 26.81
C PRO A 68 14.06 -24.27 26.45
N ALA A 69 15.10 -24.00 27.25
CA ALA A 69 15.89 -22.78 27.13
C ALA A 69 16.58 -22.69 25.76
N GLY A 70 17.05 -23.82 25.24
CA GLY A 70 17.74 -23.87 23.95
C GLY A 70 16.82 -23.49 22.81
N VAL A 71 15.56 -23.95 22.90
CA VAL A 71 14.53 -23.65 21.92
C VAL A 71 14.13 -22.18 22.05
N ARG A 72 14.06 -21.68 23.29
CA ARG A 72 13.72 -20.29 23.54
C ARG A 72 14.82 -19.35 23.03
N ALA A 73 16.08 -19.73 23.24
CA ALA A 73 17.20 -18.89 22.81
C ALA A 73 17.27 -18.83 21.29
N ASP A 74 16.93 -19.92 20.61
CA ASP A 74 16.94 -19.97 19.16
C ASP A 74 15.85 -19.06 18.58
N ILE A 75 14.64 -19.14 19.13
CA ILE A 75 13.53 -18.31 18.68
C ILE A 75 13.84 -16.85 18.96
N ASP A 76 14.43 -16.58 20.14
CA ASP A 76 14.79 -15.23 20.55
C ASP A 76 15.75 -14.62 19.52
N PHE A 77 16.74 -15.42 19.12
CA PHE A 77 17.76 -15.01 18.15
C PHE A 77 17.11 -14.66 16.81
N ALA A 78 16.28 -15.58 16.31
CA ALA A 78 15.59 -15.42 15.04
C ALA A 78 14.74 -14.15 15.02
N ILE A 79 14.01 -13.91 16.12
CA ILE A 79 13.15 -12.75 16.24
C ILE A 79 13.98 -11.47 16.25
N ARG A 80 15.14 -11.52 16.91
CA ARG A 80 15.97 -10.33 17.00
C ARG A 80 16.48 -9.93 15.60
N GLN A 81 16.74 -10.89 14.71
CA GLN A 81 17.23 -10.57 13.38
C GLN A 81 16.18 -9.70 12.68
N VAL A 82 14.90 -10.07 12.84
CA VAL A 82 13.81 -9.31 12.25
C VAL A 82 13.74 -7.93 12.90
N THR A 83 13.75 -7.88 14.23
CA THR A 83 13.60 -6.63 14.95
C THR A 83 14.68 -5.63 14.51
N ASP A 84 15.92 -6.08 14.42
CA ASP A 84 17.03 -5.18 14.16
C ASP A 84 16.90 -4.57 12.77
N PHE A 85 16.46 -5.36 11.79
CA PHE A 85 16.24 -4.84 10.45
C PHE A 85 15.05 -3.89 10.44
N ALA A 86 13.92 -4.26 11.08
CA ALA A 86 12.72 -3.43 11.09
C ALA A 86 13.00 -2.06 11.71
N LEU A 87 13.82 -2.03 12.77
CA LEU A 87 14.14 -0.78 13.44
C LEU A 87 14.90 0.15 12.49
N ALA A 88 15.86 -0.41 11.73
CA ALA A 88 16.65 0.39 10.79
C ALA A 88 15.72 0.92 9.69
N GLN A 89 14.81 0.05 9.22
CA GLN A 89 13.88 0.40 8.16
C GLN A 89 12.92 1.51 8.62
N ARG A 90 12.52 1.49 9.90
CA ARG A 90 11.64 2.52 10.43
C ARG A 90 12.31 3.88 10.33
N GLU A 91 13.62 3.94 10.48
CA GLU A 91 14.34 5.20 10.45
C GLU A 91 14.47 5.73 9.02
N SER A 92 14.17 4.91 8.01
CA SER A 92 14.38 5.28 6.62
C SER A 92 13.24 6.15 6.05
N LEU A 93 12.13 6.31 6.77
CA LEU A 93 11.06 7.18 6.32
C LEU A 93 11.00 8.40 7.24
N LYS A 94 11.45 9.56 6.73
CA LYS A 94 11.69 10.75 7.54
C LYS A 94 10.50 11.71 7.50
N GLU A 95 10.33 12.45 8.60
CA GLU A 95 9.45 13.61 8.62
C GLU A 95 10.23 14.77 8.04
N PHE A 96 9.50 15.74 7.46
CA PHE A 96 10.13 16.98 7.04
C PHE A 96 9.10 18.08 6.94
N SER A 97 9.64 19.30 6.88
CA SER A 97 8.92 20.51 6.51
C SER A 97 9.66 21.13 5.32
N VAL A 98 8.95 21.84 4.44
CA VAL A 98 9.55 22.50 3.28
C VAL A 98 8.80 23.80 2.99
N GLU A 99 9.55 24.86 2.65
CA GLU A 99 8.97 26.10 2.14
C GLU A 99 8.76 25.98 0.64
N LEU A 100 7.54 26.29 0.20
CA LEU A 100 7.17 26.29 -1.22
C LEU A 100 7.13 27.74 -1.69
N HIS A 101 6.00 28.22 -2.25
CA HIS A 101 5.85 29.65 -2.48
C HIS A 101 6.17 30.40 -1.18
N PRO A 102 6.95 31.50 -1.20
CA PRO A 102 7.37 32.15 0.05
C PRO A 102 6.16 32.46 0.94
N GLY A 103 6.26 32.06 2.21
CA GLY A 103 5.17 32.14 3.15
C GLY A 103 4.37 30.84 3.28
N VAL A 104 4.51 29.91 2.32
CA VAL A 104 3.88 28.61 2.42
C VAL A 104 4.86 27.63 3.07
N THR A 105 4.38 26.92 4.09
CA THR A 105 5.08 25.79 4.66
C THR A 105 4.23 24.53 4.51
N ALA A 106 4.87 23.42 4.16
CA ALA A 106 4.19 22.13 4.08
C ALA A 106 5.12 21.04 4.59
N GLY A 107 4.53 19.91 4.99
CA GLY A 107 5.34 18.85 5.55
C GLY A 107 4.65 17.49 5.59
N GLN A 108 5.42 16.51 6.04
CA GLN A 108 4.97 15.14 6.18
C GLN A 108 5.23 14.72 7.62
N ARG A 109 4.18 14.26 8.30
CA ARG A 109 4.33 13.55 9.56
C ARG A 109 4.36 12.06 9.25
N VAL A 110 5.11 11.33 10.08
CA VAL A 110 5.21 9.89 9.97
C VAL A 110 4.86 9.33 11.35
N LEU A 111 3.82 8.51 11.42
CA LEU A 111 3.40 7.93 12.69
C LEU A 111 2.92 6.50 12.48
N PRO A 112 3.11 5.62 13.47
CA PRO A 112 2.62 4.25 13.39
C PRO A 112 1.10 4.22 13.55
N VAL A 113 0.44 3.25 12.92
CA VAL A 113 -0.97 3.00 13.17
C VAL A 113 -1.10 2.59 14.64
N ASN A 114 -2.33 2.72 15.17
CA ASN A 114 -2.60 2.52 16.59
C ASN A 114 -2.61 1.02 16.95
N VAL A 115 -3.27 0.22 16.12
CA VAL A 115 -3.52 -1.18 16.43
C VAL A 115 -3.23 -2.05 15.21
N VAL A 116 -2.43 -3.11 15.40
CA VAL A 116 -2.21 -4.11 14.38
C VAL A 116 -2.63 -5.48 14.94
N GLY A 117 -3.40 -6.21 14.14
CA GLY A 117 -3.73 -7.61 14.42
C GLY A 117 -2.87 -8.58 13.61
N CYS A 118 -2.35 -9.60 14.29
CA CYS A 118 -1.46 -10.56 13.66
C CYS A 118 -2.06 -11.96 13.83
N TYR A 119 -2.19 -12.67 12.71
CA TYR A 119 -2.73 -14.01 12.73
C TYR A 119 -1.62 -15.00 12.43
N ALA A 120 -1.59 -16.11 13.19
CA ALA A 120 -0.69 -17.21 12.89
C ALA A 120 -1.51 -18.48 12.74
N PRO A 121 -1.55 -19.10 11.53
CA PRO A 121 -2.36 -20.29 11.29
C PRO A 121 -1.90 -21.52 12.09
N ALA A 122 -0.60 -21.57 12.42
CA ALA A 122 -0.02 -22.63 13.23
C ALA A 122 -0.46 -24.00 12.71
N GLY A 123 -0.51 -24.14 11.38
CA GLY A 123 -0.73 -25.43 10.74
C GLY A 123 0.43 -26.39 10.98
N ARG A 124 0.26 -27.65 10.57
CA ARG A 124 1.17 -28.72 10.92
C ARG A 124 2.56 -28.46 10.34
N TYR A 125 2.61 -27.88 9.13
CA TYR A 125 3.87 -27.67 8.43
C TYR A 125 4.13 -26.17 8.28
N ALA A 126 4.14 -25.45 9.40
CA ALA A 126 4.29 -24.00 9.38
C ALA A 126 5.68 -23.61 9.89
N HIS A 127 6.19 -22.49 9.37
CA HIS A 127 7.36 -21.83 9.93
C HIS A 127 6.94 -21.03 11.17
N ILE A 128 7.73 -21.14 12.25
CA ILE A 128 7.53 -20.39 13.48
C ILE A 128 7.66 -18.90 13.19
N ALA A 129 8.41 -18.56 12.13
CA ALA A 129 8.58 -17.19 11.69
C ALA A 129 7.24 -16.56 11.28
N SER A 130 6.29 -17.37 10.80
CA SER A 130 4.96 -16.87 10.48
C SER A 130 4.26 -16.30 11.71
N ALA A 131 4.67 -16.75 12.90
CA ALA A 131 4.05 -16.30 14.14
C ALA A 131 4.65 -14.99 14.62
N TYR A 132 5.96 -14.79 14.44
CA TYR A 132 6.63 -13.65 15.06
C TYR A 132 6.88 -12.51 14.06
N MET A 133 6.78 -12.76 12.75
CA MET A 133 7.24 -11.76 11.78
C MET A 133 6.37 -10.51 11.83
N GLY A 134 5.05 -10.71 11.76
CA GLY A 134 4.09 -9.61 11.87
C GLY A 134 4.21 -8.85 13.20
N VAL A 135 4.26 -9.61 14.31
CA VAL A 135 4.26 -9.01 15.63
C VAL A 135 5.52 -8.16 15.80
N ALA A 136 6.68 -8.76 15.48
CA ALA A 136 7.96 -8.11 15.70
C ALA A 136 8.07 -6.85 14.85
N THR A 137 7.59 -6.94 13.61
CA THR A 137 7.64 -5.83 12.67
C THR A 137 6.75 -4.69 13.15
N ALA A 138 5.54 -5.02 13.61
CA ALA A 138 4.62 -4.01 14.10
C ALA A 138 5.19 -3.32 15.34
N LYS A 139 5.78 -4.09 16.27
CA LYS A 139 6.34 -3.48 17.47
C LYS A 139 7.50 -2.56 17.09
N ALA A 140 8.35 -2.99 16.16
CA ALA A 140 9.51 -2.19 15.73
C ALA A 140 9.04 -0.95 15.00
N ALA A 141 7.86 -1.01 14.36
CA ALA A 141 7.28 0.17 13.71
C ALA A 141 6.85 1.22 14.73
N GLY A 142 6.68 0.82 16.00
CA GLY A 142 6.20 1.71 17.05
C GLY A 142 4.70 1.57 17.32
N VAL A 143 4.06 0.55 16.72
CA VAL A 143 2.64 0.34 16.94
C VAL A 143 2.42 0.07 18.43
N LYS A 144 1.45 0.76 19.04
CA LYS A 144 1.30 0.73 20.49
C LYS A 144 0.55 -0.53 20.95
N THR A 145 -0.37 -1.04 20.13
CA THR A 145 -1.09 -2.26 20.48
C THR A 145 -1.03 -3.26 19.35
N VAL A 146 -0.42 -4.42 19.63
CA VAL A 146 -0.43 -5.55 18.73
C VAL A 146 -1.22 -6.68 19.37
N VAL A 147 -2.26 -7.11 18.66
CA VAL A 147 -3.10 -8.22 19.07
C VAL A 147 -2.72 -9.40 18.18
N ALA A 148 -2.44 -10.55 18.82
CA ALA A 148 -2.00 -11.74 18.11
C ALA A 148 -2.99 -12.88 18.38
N CYS A 149 -3.42 -13.55 17.30
CA CYS A 149 -4.33 -14.68 17.38
C CYS A 149 -3.71 -15.92 16.74
N SER A 150 -3.96 -17.08 17.36
CA SER A 150 -3.69 -18.37 16.76
C SER A 150 -4.71 -19.37 17.30
N SER A 151 -5.14 -20.32 16.45
CA SER A 151 -6.17 -21.26 16.85
C SER A 151 -5.61 -22.19 17.93
N PRO A 152 -6.47 -22.78 18.80
CA PRO A 152 -5.98 -23.74 19.79
C PRO A 152 -5.37 -24.94 19.07
N PHE A 153 -4.30 -25.50 19.64
CA PHE A 153 -3.54 -26.51 18.93
C PHE A 153 -4.17 -27.89 19.12
N ARG A 154 -4.18 -28.38 20.36
CA ARG A 154 -4.74 -29.69 20.68
C ARG A 154 -5.51 -29.63 21.99
N GLY A 155 -6.50 -28.72 22.05
CA GLY A 155 -7.41 -28.66 23.19
C GLY A 155 -6.85 -27.88 24.38
N GLN A 156 -5.53 -27.79 24.51
CA GLN A 156 -4.90 -27.20 25.69
C GLN A 156 -4.86 -25.68 25.54
N GLY A 157 -4.55 -25.23 24.32
CA GLY A 157 -4.34 -23.82 24.03
C GLY A 157 -3.50 -23.67 22.77
N ILE A 158 -2.92 -22.46 22.60
CA ILE A 158 -2.11 -22.15 21.44
C ILE A 158 -0.87 -23.05 21.45
N HIS A 159 -0.47 -23.54 20.28
CA HIS A 159 0.79 -24.26 20.15
C HIS A 159 1.86 -23.49 20.93
N PRO A 160 2.57 -24.13 21.89
CA PRO A 160 3.47 -23.42 22.79
C PRO A 160 4.60 -22.63 22.13
N HIS A 161 5.10 -23.11 20.99
CA HIS A 161 6.15 -22.41 20.26
C HIS A 161 5.58 -21.11 19.64
N VAL A 162 4.38 -21.20 19.06
CA VAL A 162 3.70 -20.04 18.51
C VAL A 162 3.43 -19.04 19.63
N LEU A 163 3.05 -19.55 20.81
CA LEU A 163 2.72 -18.70 21.93
C LEU A 163 3.99 -18.05 22.47
N TYR A 164 5.07 -18.83 22.59
CA TYR A 164 6.33 -18.27 23.03
C TYR A 164 6.77 -17.18 22.04
N ALA A 165 6.68 -17.47 20.75
CA ALA A 165 7.05 -16.52 19.69
C ALA A 165 6.23 -15.23 19.80
N PHE A 166 4.91 -15.35 19.93
CA PHE A 166 4.05 -14.18 20.12
C PHE A 166 4.55 -13.34 21.29
N GLN A 167 4.78 -13.99 22.45
CA GLN A 167 5.19 -13.29 23.66
C GLN A 167 6.56 -12.64 23.48
N ALA A 168 7.54 -13.42 23.00
CA ALA A 168 8.90 -12.95 22.80
C ALA A 168 8.94 -11.78 21.79
N ALA A 169 8.05 -11.79 20.80
CA ALA A 169 8.04 -10.77 19.75
C ALA A 169 7.35 -9.49 20.22
N GLY A 170 6.69 -9.55 21.40
CA GLY A 170 6.16 -8.36 22.07
C GLY A 170 4.67 -8.13 21.85
N ALA A 171 3.89 -9.18 21.51
CA ALA A 171 2.45 -9.02 21.39
C ALA A 171 1.88 -8.47 22.70
N ASP A 172 0.93 -7.54 22.61
CA ASP A 172 0.34 -6.91 23.78
C ASP A 172 -0.86 -7.74 24.27
N VAL A 173 -1.62 -8.28 23.33
CA VAL A 173 -2.74 -9.16 23.64
C VAL A 173 -2.55 -10.43 22.81
N ILE A 174 -2.88 -11.58 23.39
CA ILE A 174 -2.86 -12.85 22.69
C ILE A 174 -4.20 -13.53 22.89
N MET A 175 -4.78 -14.01 21.79
CA MET A 175 -6.10 -14.61 21.83
C MET A 175 -6.05 -15.99 21.17
N ALA A 176 -6.66 -16.98 21.82
CA ALA A 176 -6.75 -18.32 21.27
C ALA A 176 -7.99 -18.39 20.37
N LEU A 177 -7.80 -17.96 19.12
CA LEU A 177 -8.85 -17.86 18.11
C LEU A 177 -8.25 -18.13 16.75
N GLY A 178 -8.99 -18.85 15.90
CA GLY A 178 -8.55 -19.17 14.56
C GLY A 178 -9.52 -18.64 13.49
N GLY A 179 -9.06 -18.68 12.24
CA GLY A 179 -9.90 -18.52 11.07
C GLY A 179 -10.54 -17.13 10.95
N VAL A 180 -11.73 -17.11 10.35
CA VAL A 180 -12.43 -15.88 10.02
C VAL A 180 -12.74 -15.14 11.31
N GLN A 181 -13.14 -15.89 12.36
CA GLN A 181 -13.62 -15.28 13.59
C GLN A 181 -12.47 -14.62 14.34
N ALA A 182 -11.22 -15.03 14.07
CA ALA A 182 -10.05 -14.35 14.60
C ALA A 182 -9.83 -13.04 13.86
N ILE A 183 -9.93 -13.08 12.53
CA ILE A 183 -9.71 -11.91 11.71
C ILE A 183 -10.77 -10.87 12.05
N ALA A 184 -12.04 -11.31 12.17
CA ALA A 184 -13.14 -10.41 12.44
C ALA A 184 -13.04 -9.84 13.85
N SER A 185 -12.63 -10.66 14.82
CA SER A 185 -12.52 -10.19 16.18
C SER A 185 -11.45 -9.10 16.28
N MET A 186 -10.36 -9.28 15.54
CA MET A 186 -9.30 -8.29 15.55
C MET A 186 -9.76 -7.02 14.82
N ALA A 187 -10.43 -7.18 13.67
CA ALA A 187 -10.91 -6.06 12.87
C ALA A 187 -11.90 -5.19 13.65
N TYR A 188 -12.83 -5.84 14.36
CA TYR A 188 -13.90 -5.10 15.03
C TYR A 188 -13.49 -4.73 16.46
N GLY A 189 -12.37 -5.25 16.95
CA GLY A 189 -11.91 -4.96 18.30
C GLY A 189 -12.71 -5.71 19.38
N LEU A 190 -13.24 -6.88 19.04
CA LEU A 190 -13.92 -7.69 20.04
C LEU A 190 -12.90 -8.19 21.05
N PHE A 191 -13.31 -8.22 22.33
CA PHE A 191 -12.52 -8.75 23.44
C PHE A 191 -11.53 -7.72 23.97
N THR A 192 -11.05 -6.79 23.12
CA THR A 192 -10.05 -5.82 23.53
C THR A 192 -10.63 -4.40 23.55
N GLY A 193 -11.65 -4.15 22.72
CA GLY A 193 -12.16 -2.80 22.52
C GLY A 193 -11.22 -1.94 21.68
N LYS A 194 -10.32 -2.58 20.91
CA LYS A 194 -9.32 -1.87 20.14
C LYS A 194 -9.31 -2.39 18.69
N PRO A 195 -10.17 -1.84 17.80
CA PRO A 195 -10.23 -2.31 16.40
C PRO A 195 -8.92 -2.14 15.65
N ALA A 196 -8.51 -3.18 14.91
CA ALA A 196 -7.22 -3.20 14.24
C ALA A 196 -7.24 -2.27 13.02
N ASP A 197 -6.17 -1.50 12.86
CA ASP A 197 -6.00 -0.64 11.70
C ASP A 197 -5.62 -1.49 10.48
N VAL A 198 -4.91 -2.60 10.73
CA VAL A 198 -4.70 -3.59 9.70
C VAL A 198 -4.48 -4.95 10.36
N VAL A 199 -4.86 -6.02 9.65
CA VAL A 199 -4.58 -7.37 10.08
C VAL A 199 -3.66 -8.02 9.04
N VAL A 200 -2.62 -8.70 9.54
CA VAL A 200 -1.66 -9.40 8.71
C VAL A 200 -1.56 -10.85 9.18
N GLY A 201 -0.90 -11.67 8.35
CA GLY A 201 -0.57 -13.04 8.70
C GLY A 201 -1.09 -14.01 7.64
N PRO A 202 -0.33 -15.07 7.32
CA PRO A 202 -0.70 -15.98 6.24
C PRO A 202 -1.86 -16.84 6.70
N GLY A 203 -2.77 -17.18 5.79
CA GLY A 203 -3.87 -18.08 6.10
C GLY A 203 -4.37 -18.80 4.86
N ASN A 204 -5.36 -19.67 5.06
CA ASN A 204 -6.03 -20.34 3.96
C ASN A 204 -6.88 -19.31 3.22
N LYS A 205 -7.67 -19.78 2.25
CA LYS A 205 -8.42 -18.90 1.36
C LYS A 205 -9.53 -18.16 2.11
N PHE A 206 -9.95 -18.69 3.27
CA PHE A 206 -11.01 -18.06 4.05
C PHE A 206 -10.46 -16.86 4.81
N VAL A 207 -9.29 -17.03 5.41
CA VAL A 207 -8.61 -15.96 6.14
C VAL A 207 -8.25 -14.85 5.16
N ALA A 208 -7.77 -15.24 3.98
CA ALA A 208 -7.41 -14.30 2.92
C ALA A 208 -8.62 -13.44 2.54
N GLU A 209 -9.79 -14.11 2.45
CA GLU A 209 -11.00 -13.50 1.94
C GLU A 209 -11.62 -12.58 2.99
N ALA A 210 -11.42 -12.91 4.28
CA ALA A 210 -11.87 -12.06 5.38
C ALA A 210 -11.06 -10.78 5.45
N LYS A 211 -9.73 -10.91 5.27
CA LYS A 211 -8.82 -9.77 5.23
C LYS A 211 -9.18 -8.86 4.05
N ARG A 212 -9.52 -9.45 2.91
CA ARG A 212 -9.91 -8.68 1.73
C ARG A 212 -11.19 -7.90 2.03
N SER A 213 -12.19 -8.60 2.57
CA SER A 213 -13.51 -8.03 2.79
C SER A 213 -13.44 -6.89 3.81
N LEU A 214 -12.63 -7.07 4.86
CA LEU A 214 -12.57 -6.11 5.94
C LEU A 214 -11.67 -4.92 5.60
N TYR A 215 -10.61 -5.13 4.80
CA TYR A 215 -9.59 -4.12 4.64
C TYR A 215 -9.39 -3.70 3.17
N GLY A 216 -9.91 -4.47 2.21
CA GLY A 216 -9.69 -4.19 0.80
C GLY A 216 -8.31 -4.64 0.34
N GLN A 217 -7.56 -3.72 -0.28
CA GLN A 217 -6.27 -4.04 -0.91
C GLN A 217 -5.17 -4.21 0.14
N VAL A 218 -5.24 -3.46 1.25
CA VAL A 218 -4.23 -3.52 2.30
C VAL A 218 -4.36 -4.84 3.08
N GLY A 219 -5.44 -5.59 2.84
CA GLY A 219 -5.63 -6.90 3.44
C GLY A 219 -5.11 -8.05 2.58
N ILE A 220 -4.78 -7.77 1.30
CA ILE A 220 -4.40 -8.79 0.34
C ILE A 220 -3.10 -8.41 -0.39
N ASP A 221 -2.32 -7.46 0.16
CA ASP A 221 -1.15 -6.96 -0.54
C ASP A 221 0.13 -7.58 0.02
N VAL A 222 0.01 -8.72 0.72
CA VAL A 222 1.18 -9.44 1.23
C VAL A 222 1.25 -10.78 0.49
N PHE A 223 2.46 -11.21 0.13
CA PHE A 223 2.64 -12.49 -0.53
C PHE A 223 1.87 -13.57 0.23
N ALA A 224 1.01 -14.29 -0.50
CA ALA A 224 0.29 -15.43 0.04
C ALA A 224 0.31 -16.54 -1.00
N GLY A 225 0.06 -17.79 -0.55
CA GLY A 225 0.12 -18.95 -1.41
C GLY A 225 1.39 -19.77 -1.16
N PRO A 226 1.74 -20.70 -2.09
CA PRO A 226 2.82 -21.65 -1.84
C PRO A 226 4.20 -20.99 -1.79
N SER A 227 5.03 -21.41 -0.83
CA SER A 227 6.39 -20.92 -0.71
C SER A 227 7.10 -21.04 -2.05
N GLU A 228 7.80 -19.97 -2.45
CA GLU A 228 8.56 -19.94 -3.68
C GLU A 228 10.05 -19.83 -3.34
N VAL A 229 10.88 -20.20 -4.32
CA VAL A 229 12.30 -19.89 -4.30
C VAL A 229 12.77 -19.73 -5.74
N ALA A 230 13.62 -18.73 -5.98
CA ALA A 230 14.30 -18.57 -7.26
C ALA A 230 15.78 -18.33 -7.01
N VAL A 231 16.62 -18.88 -7.90
CA VAL A 231 18.07 -18.70 -7.84
C VAL A 231 18.56 -18.18 -9.20
N ILE A 232 19.27 -17.05 -9.16
CA ILE A 232 20.06 -16.58 -10.29
C ILE A 232 21.49 -17.07 -10.08
N ALA A 233 22.05 -17.75 -11.09
CA ALA A 233 23.38 -18.32 -10.98
C ALA A 233 24.14 -18.22 -12.30
N ASP A 234 25.44 -17.92 -12.19
CA ASP A 234 26.35 -17.93 -13.32
C ASP A 234 27.29 -19.14 -13.19
N GLU A 235 28.36 -19.16 -14.00
CA GLU A 235 29.26 -20.30 -14.06
C GLU A 235 30.04 -20.48 -12.75
N THR A 236 30.09 -19.45 -11.90
CA THR A 236 30.85 -19.54 -10.66
C THR A 236 30.04 -20.24 -9.56
N ALA A 237 28.72 -20.41 -9.76
CA ALA A 237 27.85 -20.94 -8.73
C ALA A 237 28.15 -22.43 -8.48
N ASP A 238 27.90 -22.86 -7.24
CA ASP A 238 28.04 -24.25 -6.83
C ASP A 238 26.72 -25.00 -7.05
N PRO A 239 26.67 -25.97 -7.98
CA PRO A 239 25.41 -26.65 -8.31
C PRO A 239 24.78 -27.40 -7.13
N ALA A 240 25.62 -27.93 -6.23
CA ALA A 240 25.13 -28.69 -5.09
C ALA A 240 24.37 -27.78 -4.11
N ILE A 241 24.83 -26.53 -3.98
CA ILE A 241 24.18 -25.56 -3.11
C ILE A 241 22.92 -25.04 -3.80
N VAL A 242 23.03 -24.72 -5.09
CA VAL A 242 21.88 -24.25 -5.84
C VAL A 242 20.75 -25.27 -5.77
N ALA A 243 21.06 -26.55 -5.99
CA ALA A 243 20.05 -27.60 -5.98
C ALA A 243 19.43 -27.73 -4.60
N SER A 244 20.27 -27.68 -3.56
CA SER A 244 19.81 -27.83 -2.18
C SER A 244 18.79 -26.74 -1.84
N ASP A 245 19.08 -25.52 -2.29
CA ASP A 245 18.27 -24.35 -2.00
C ASP A 245 16.90 -24.47 -2.68
N LEU A 246 16.88 -24.95 -3.94
CA LEU A 246 15.63 -25.15 -4.64
C LEU A 246 14.79 -26.21 -3.92
N VAL A 247 15.43 -27.31 -3.52
CA VAL A 247 14.74 -28.41 -2.86
C VAL A 247 14.22 -27.93 -1.50
N GLY A 248 14.97 -27.01 -0.88
CA GLY A 248 14.64 -26.44 0.42
C GLY A 248 13.19 -25.99 0.56
N GLN A 249 12.70 -25.18 -0.40
CA GLN A 249 11.33 -24.68 -0.34
C GLN A 249 10.35 -25.59 -1.10
N ALA A 250 10.85 -26.48 -1.96
CA ALA A 250 9.97 -27.40 -2.67
C ALA A 250 9.29 -28.36 -1.70
N GLU A 251 9.89 -28.60 -0.53
CA GLU A 251 9.29 -29.49 0.45
C GLU A 251 8.05 -28.86 1.11
N HIS A 252 7.76 -27.59 0.81
CA HIS A 252 6.63 -26.93 1.44
C HIS A 252 5.32 -27.63 1.07
N GLY A 253 5.21 -28.02 -0.19
CA GLY A 253 4.02 -28.69 -0.68
C GLY A 253 4.00 -28.77 -2.20
N HIS A 254 2.98 -29.44 -2.75
CA HIS A 254 3.01 -29.89 -4.13
C HIS A 254 2.90 -28.72 -5.11
N GLU A 255 2.62 -27.50 -4.62
CA GLU A 255 2.45 -26.35 -5.49
C GLU A 255 3.60 -25.34 -5.37
N SER A 256 4.61 -25.65 -4.56
CA SER A 256 5.72 -24.72 -4.31
C SER A 256 6.61 -24.60 -5.54
N PRO A 257 6.65 -23.42 -6.20
CA PRO A 257 7.51 -23.22 -7.37
C PRO A 257 8.97 -22.99 -7.01
N ALA A 258 9.85 -23.58 -7.82
CA ALA A 258 11.30 -23.48 -7.63
C ALA A 258 11.93 -23.17 -8.98
N TRP A 259 12.59 -22.01 -9.07
CA TRP A 259 13.07 -21.50 -10.35
C TRP A 259 14.58 -21.29 -10.33
N LEU A 260 15.25 -21.76 -11.39
CA LEU A 260 16.66 -21.44 -11.65
C LEU A 260 16.77 -20.63 -12.95
N PHE A 261 17.29 -19.40 -12.82
CA PHE A 261 17.67 -18.58 -13.97
C PHE A 261 19.20 -18.54 -14.05
N THR A 262 19.76 -18.92 -15.21
CA THR A 262 21.20 -19.04 -15.33
C THR A 262 21.69 -18.68 -16.74
N THR A 263 22.95 -18.25 -16.82
CA THR A 263 23.65 -18.07 -18.09
C THR A 263 24.62 -19.22 -18.35
N SER A 264 24.63 -20.23 -17.49
CA SER A 264 25.53 -21.37 -17.61
C SER A 264 24.73 -22.63 -17.92
N ARG A 265 24.95 -23.17 -19.12
CA ARG A 265 24.37 -24.43 -19.53
C ARG A 265 24.88 -25.52 -18.60
N ASP A 266 26.18 -25.50 -18.32
CA ASP A 266 26.79 -26.50 -17.46
C ASP A 266 26.07 -26.57 -16.12
N LEU A 267 25.86 -25.40 -15.51
CA LEU A 267 25.25 -25.33 -14.19
C LEU A 267 23.81 -25.84 -14.25
N ALA A 268 23.05 -25.40 -15.26
CA ALA A 268 21.68 -25.83 -15.43
C ALA A 268 21.59 -27.36 -15.47
N ASP A 269 22.47 -27.96 -16.29
CA ASP A 269 22.49 -29.39 -16.50
C ASP A 269 22.70 -30.13 -15.17
N ARG A 270 23.70 -29.70 -14.40
CA ARG A 270 24.07 -30.40 -13.18
C ARG A 270 22.96 -30.27 -12.13
N VAL A 271 22.37 -29.08 -12.02
CA VAL A 271 21.29 -28.87 -11.06
C VAL A 271 20.11 -29.76 -11.42
N MET A 272 19.77 -29.83 -12.72
CA MET A 272 18.61 -30.60 -13.14
C MET A 272 18.79 -32.07 -12.77
N ALA A 273 20.04 -32.57 -12.82
CA ALA A 273 20.34 -33.93 -12.41
C ALA A 273 20.40 -34.07 -10.89
N LEU A 274 20.89 -33.05 -10.18
CA LEU A 274 21.08 -33.13 -8.74
C LEU A 274 19.75 -33.07 -7.98
N VAL A 275 18.79 -32.28 -8.48
CA VAL A 275 17.57 -32.01 -7.73
C VAL A 275 16.82 -33.31 -7.44
N PRO A 276 16.53 -34.18 -8.43
CA PRO A 276 15.85 -35.45 -8.15
C PRO A 276 16.57 -36.35 -7.14
N GLU A 277 17.91 -36.30 -7.14
CA GLU A 277 18.70 -37.14 -6.25
C GLU A 277 18.55 -36.64 -4.82
N LEU A 278 18.56 -35.31 -4.64
CA LEU A 278 18.40 -34.69 -3.33
C LEU A 278 17.02 -35.02 -2.78
N ILE A 279 16.00 -34.92 -3.64
CA ILE A 279 14.63 -35.20 -3.26
C ILE A 279 14.50 -36.64 -2.76
N ALA A 280 15.10 -37.58 -3.49
CA ALA A 280 14.97 -39.00 -3.17
C ALA A 280 15.48 -39.31 -1.77
N LYS A 281 16.40 -38.47 -1.26
CA LYS A 281 17.03 -38.69 0.04
C LYS A 281 16.28 -37.99 1.18
N LEU A 282 15.18 -37.28 0.87
CA LEU A 282 14.35 -36.67 1.89
C LEU A 282 13.48 -37.72 2.57
N PRO A 283 13.04 -37.52 3.83
CA PRO A 283 12.02 -38.38 4.45
C PRO A 283 10.69 -38.27 3.71
N PRO A 284 9.75 -39.22 3.92
CA PRO A 284 8.59 -39.38 3.03
C PRO A 284 7.74 -38.15 2.72
N THR A 285 7.37 -37.39 3.75
CA THR A 285 6.45 -36.27 3.56
C THR A 285 7.10 -35.25 2.62
N ALA A 286 8.35 -34.90 2.92
CA ALA A 286 9.11 -33.96 2.12
C ALA A 286 9.35 -34.53 0.71
N ARG A 287 9.75 -35.81 0.64
CA ARG A 287 10.04 -36.44 -0.64
C ARG A 287 8.83 -36.33 -1.57
N ASP A 288 7.67 -36.78 -1.08
CA ASP A 288 6.46 -36.77 -1.87
C ASP A 288 6.08 -35.34 -2.24
N ALA A 289 6.23 -34.41 -1.28
CA ALA A 289 5.86 -33.02 -1.51
C ALA A 289 6.73 -32.42 -2.63
N ALA A 290 8.06 -32.53 -2.48
CA ALA A 290 9.00 -31.90 -3.39
C ALA A 290 8.98 -32.58 -4.76
N THR A 291 8.82 -33.91 -4.78
CA THR A 291 8.70 -34.65 -6.03
C THR A 291 7.65 -33.97 -6.91
N ALA A 292 6.46 -33.79 -6.36
CA ALA A 292 5.34 -33.22 -7.11
C ALA A 292 5.60 -31.76 -7.47
N ALA A 293 6.14 -31.00 -6.50
CA ALA A 293 6.38 -29.56 -6.67
C ALA A 293 7.41 -29.30 -7.75
N TRP A 294 8.54 -30.02 -7.70
CA TRP A 294 9.56 -29.87 -8.72
C TRP A 294 8.99 -30.27 -10.09
N ARG A 295 8.28 -31.40 -10.13
CA ARG A 295 7.73 -31.93 -11.37
C ARG A 295 6.83 -30.90 -12.05
N ASP A 296 5.82 -30.41 -11.32
CA ASP A 296 4.74 -29.66 -11.94
C ASP A 296 5.05 -28.17 -12.01
N TYR A 297 5.91 -27.65 -11.11
CA TYR A 297 6.13 -26.21 -11.03
C TYR A 297 7.61 -25.82 -11.13
N GLY A 298 8.52 -26.79 -11.14
CA GLY A 298 9.94 -26.50 -11.26
C GLY A 298 10.28 -25.99 -12.66
N GLU A 299 11.07 -24.92 -12.75
CA GLU A 299 11.49 -24.37 -14.02
C GLU A 299 12.98 -24.08 -14.02
N VAL A 300 13.60 -24.23 -15.20
CA VAL A 300 15.01 -23.95 -15.41
C VAL A 300 15.13 -23.21 -16.72
N ILE A 301 15.72 -22.01 -16.66
CA ILE A 301 15.72 -21.11 -17.81
C ILE A 301 17.15 -20.65 -18.05
N LEU A 302 17.66 -20.96 -19.26
CA LEU A 302 19.00 -20.58 -19.67
C LEU A 302 18.90 -19.37 -20.58
N CYS A 303 19.60 -18.30 -20.19
CA CYS A 303 19.64 -17.05 -20.94
C CYS A 303 21.06 -16.81 -21.42
N GLY A 304 21.18 -15.97 -22.46
CA GLY A 304 22.46 -15.67 -23.06
C GLY A 304 23.25 -14.65 -22.23
N THR A 305 22.57 -13.58 -21.82
CA THR A 305 23.22 -12.43 -21.19
C THR A 305 22.63 -12.19 -19.81
N ARG A 306 23.38 -11.43 -19.00
CA ARG A 306 22.92 -11.01 -17.68
C ARG A 306 21.61 -10.24 -17.82
N GLU A 307 21.53 -9.36 -18.82
CA GLU A 307 20.38 -8.47 -18.99
C GLU A 307 19.10 -9.27 -19.20
N GLU A 308 19.21 -10.40 -19.92
CA GLU A 308 18.05 -11.26 -20.18
C GLU A 308 17.62 -11.99 -18.92
N VAL A 309 18.58 -12.34 -18.04
CA VAL A 309 18.24 -12.93 -16.77
C VAL A 309 17.39 -11.93 -15.99
N VAL A 310 17.87 -10.68 -15.90
CA VAL A 310 17.19 -9.61 -15.21
C VAL A 310 15.75 -9.50 -15.73
N GLU A 311 15.58 -9.54 -17.05
CA GLU A 311 14.28 -9.37 -17.68
C GLU A 311 13.32 -10.47 -17.23
N ILE A 312 13.77 -11.72 -17.28
CA ILE A 312 12.88 -12.82 -16.94
C ILE A 312 12.68 -12.90 -15.43
N SER A 313 13.73 -12.60 -14.65
CA SER A 313 13.63 -12.62 -13.19
C SER A 313 12.60 -11.60 -12.73
N ASP A 314 12.70 -10.39 -13.28
CA ASP A 314 11.78 -9.29 -12.99
C ASP A 314 10.35 -9.64 -13.38
N ARG A 315 10.15 -10.48 -14.41
CA ARG A 315 8.82 -10.91 -14.81
C ARG A 315 8.27 -11.95 -13.82
N TYR A 316 9.13 -12.87 -13.38
CA TYR A 316 8.71 -13.92 -12.47
C TYR A 316 8.52 -13.35 -11.05
N ALA A 317 9.33 -12.34 -10.69
CA ALA A 317 9.22 -11.62 -9.41
C ALA A 317 9.09 -12.57 -8.22
N SER A 318 10.08 -13.45 -8.02
CA SER A 318 10.02 -14.42 -6.95
C SER A 318 9.97 -13.73 -5.58
N GLU A 319 9.18 -14.32 -4.67
CA GLU A 319 9.11 -13.86 -3.29
C GLU A 319 10.49 -13.96 -2.65
N HIS A 320 11.25 -15.00 -3.00
CA HIS A 320 12.57 -15.24 -2.44
C HIS A 320 13.54 -15.47 -3.58
N LEU A 321 14.52 -14.55 -3.73
CA LEU A 321 15.42 -14.56 -4.87
C LEU A 321 16.88 -14.57 -4.41
N GLU A 322 17.58 -15.69 -4.65
CA GLU A 322 18.99 -15.83 -4.35
C GLU A 322 19.82 -15.48 -5.58
N VAL A 323 21.00 -14.88 -5.35
CA VAL A 323 21.92 -14.51 -6.41
C VAL A 323 23.28 -15.14 -6.13
N HIS A 324 23.63 -16.18 -6.89
CA HIS A 324 24.93 -16.83 -6.80
C HIS A 324 25.75 -16.52 -8.06
N THR A 325 26.41 -15.35 -8.08
CA THR A 325 27.12 -14.87 -9.25
C THR A 325 28.36 -14.11 -8.83
N ALA A 326 29.29 -13.91 -9.77
CA ALA A 326 30.29 -12.86 -9.62
C ALA A 326 29.58 -11.50 -9.74
N ASP A 327 30.27 -10.44 -9.29
CA ASP A 327 29.81 -9.06 -9.49
C ASP A 327 28.41 -8.85 -8.91
N LEU A 328 28.24 -9.15 -7.62
CA LEU A 328 26.93 -9.07 -6.97
C LEU A 328 26.38 -7.64 -6.98
N ASP A 329 27.26 -6.63 -6.91
CA ASP A 329 26.86 -5.24 -6.92
C ASP A 329 26.02 -4.94 -8.17
N TRP A 330 26.40 -5.51 -9.31
CA TRP A 330 25.68 -5.27 -10.55
C TRP A 330 24.25 -5.79 -10.42
N TRP A 331 24.08 -6.96 -9.82
CA TRP A 331 22.77 -7.58 -9.72
C TRP A 331 21.86 -6.77 -8.77
N LEU A 332 22.41 -6.31 -7.65
CA LEU A 332 21.65 -5.46 -6.73
C LEU A 332 21.23 -4.17 -7.43
N ALA A 333 22.08 -3.69 -8.34
CA ALA A 333 21.84 -2.43 -9.05
C ALA A 333 20.81 -2.62 -10.16
N ASN A 334 20.62 -3.85 -10.67
CA ASN A 334 19.86 -4.03 -11.90
C ASN A 334 18.57 -4.83 -11.73
N LEU A 335 18.45 -5.70 -10.72
CA LEU A 335 17.19 -6.40 -10.49
C LEU A 335 16.16 -5.41 -9.95
N THR A 336 14.89 -5.56 -10.35
CA THR A 336 13.87 -4.57 -9.99
C THR A 336 12.60 -5.17 -9.39
N CYS A 337 12.29 -6.46 -9.62
CA CYS A 337 11.07 -7.04 -9.05
C CYS A 337 11.36 -8.35 -8.33
N TYR A 338 11.12 -8.35 -7.01
CA TYR A 338 11.28 -9.52 -6.16
C TYR A 338 10.76 -9.18 -4.77
N GLY A 339 10.44 -10.23 -3.98
CA GLY A 339 10.03 -10.05 -2.60
C GLY A 339 11.20 -9.64 -1.70
N SER A 340 12.17 -10.54 -1.53
CA SER A 340 13.43 -10.20 -0.88
C SER A 340 14.59 -10.89 -1.58
N LEU A 341 15.76 -10.23 -1.55
CA LEU A 341 16.95 -10.65 -2.26
C LEU A 341 17.93 -11.25 -1.25
N PHE A 342 18.52 -12.39 -1.64
CA PHE A 342 19.58 -13.04 -0.90
C PHE A 342 20.85 -12.98 -1.74
N LEU A 343 21.74 -12.02 -1.43
CA LEU A 343 22.92 -11.75 -2.24
C LEU A 343 24.09 -12.61 -1.81
N GLY A 344 24.62 -13.41 -2.74
CA GLY A 344 25.74 -14.28 -2.47
C GLY A 344 25.26 -15.65 -2.00
N GLU A 345 26.21 -16.58 -1.95
CA GLU A 345 25.93 -17.95 -1.60
C GLU A 345 25.70 -18.11 -0.10
N GLU A 346 26.28 -17.23 0.72
CA GLU A 346 26.40 -17.49 2.15
C GLU A 346 25.03 -17.50 2.83
N THR A 347 24.25 -16.43 2.60
CA THR A 347 22.89 -16.38 3.09
C THR A 347 22.03 -17.30 2.22
N THR A 348 20.85 -17.66 2.73
CA THR A 348 19.92 -18.51 2.01
C THR A 348 18.52 -18.28 2.56
N VAL A 349 17.51 -18.69 1.77
CA VAL A 349 16.11 -18.44 2.09
C VAL A 349 15.76 -18.99 3.46
N ALA A 350 16.22 -20.21 3.78
CA ALA A 350 15.84 -20.87 5.03
C ALA A 350 16.25 -20.05 6.24
N PHE A 351 17.29 -19.20 6.10
CA PHE A 351 17.74 -18.37 7.21
C PHE A 351 16.69 -17.33 7.59
N GLY A 352 15.77 -17.04 6.68
CA GLY A 352 14.61 -16.24 7.02
C GLY A 352 14.62 -14.88 6.33
N ASP A 353 13.40 -14.38 6.12
CA ASP A 353 13.15 -13.05 5.56
C ASP A 353 13.38 -12.00 6.64
N LYS A 354 13.65 -10.77 6.18
CA LYS A 354 13.60 -9.60 7.05
C LYS A 354 12.24 -8.94 6.91
N THR A 355 11.62 -9.14 5.73
CA THR A 355 10.34 -8.59 5.35
C THR A 355 9.67 -9.62 4.44
N SER A 356 8.34 -9.49 4.26
CA SER A 356 7.62 -10.30 3.29
C SER A 356 7.27 -9.42 2.09
N GLY A 357 7.41 -9.99 0.88
CA GLY A 357 7.19 -9.23 -0.34
C GLY A 357 5.72 -9.02 -0.64
N PRO A 358 5.39 -8.31 -1.74
CA PRO A 358 3.99 -8.06 -2.10
C PRO A 358 3.33 -9.30 -2.70
N ASN A 359 2.01 -9.24 -2.88
CA ASN A 359 1.27 -10.36 -3.43
C ASN A 359 1.38 -10.32 -4.96
N HIS A 360 2.48 -10.88 -5.48
CA HIS A 360 2.87 -10.70 -6.88
C HIS A 360 2.07 -11.61 -7.81
N VAL A 361 1.38 -12.62 -7.26
CA VAL A 361 0.64 -13.59 -8.05
C VAL A 361 -0.81 -13.16 -8.25
N LEU A 362 -1.19 -11.98 -7.72
CA LEU A 362 -2.51 -11.41 -7.98
C LEU A 362 -2.70 -11.21 -9.48
N PRO A 363 -3.84 -11.66 -10.06
CA PRO A 363 -4.07 -11.55 -11.50
C PRO A 363 -4.45 -10.12 -11.93
N ALA A 368 0.19 -2.90 -7.38
CA ALA A 368 -0.71 -3.92 -6.80
C ALA A 368 -0.01 -5.28 -6.78
N ARG A 369 0.78 -5.57 -7.81
CA ARG A 369 1.64 -6.73 -7.84
C ARG A 369 3.00 -6.41 -7.22
N TYR A 370 3.39 -5.12 -7.25
CA TYR A 370 4.64 -4.66 -6.69
C TYR A 370 4.42 -4.02 -5.32
N SER A 371 3.16 -3.62 -5.04
CA SER A 371 2.87 -2.77 -3.90
C SER A 371 2.45 -3.61 -2.70
N GLY A 372 2.93 -3.20 -1.51
CA GLY A 372 2.48 -3.77 -0.26
C GLY A 372 3.60 -4.50 0.47
N GLY A 373 3.33 -5.75 0.84
CA GLY A 373 4.27 -6.58 1.58
C GLY A 373 4.23 -6.30 3.08
N LEU A 374 4.89 -7.18 3.85
CA LEU A 374 5.01 -7.01 5.29
C LEU A 374 6.35 -6.36 5.60
N SER A 375 6.26 -5.12 6.11
CA SER A 375 7.40 -4.40 6.62
C SER A 375 6.87 -3.29 7.51
N VAL A 376 7.77 -2.54 8.15
CA VAL A 376 7.37 -1.43 8.98
C VAL A 376 6.54 -0.43 8.17
N HIS A 377 6.81 -0.30 6.86
CA HIS A 377 6.13 0.69 6.03
C HIS A 377 4.63 0.41 5.98
N LYS A 378 4.23 -0.87 6.09
CA LYS A 378 2.83 -1.24 6.12
C LYS A 378 2.13 -0.63 7.35
N PHE A 379 2.88 -0.37 8.42
CA PHE A 379 2.27 0.00 9.69
C PHE A 379 2.52 1.47 10.00
N MET A 380 2.92 2.23 8.97
CA MET A 380 3.20 3.65 9.10
C MET A 380 2.23 4.46 8.25
N LYS A 381 1.77 5.59 8.82
CA LYS A 381 1.05 6.59 8.06
C LYS A 381 2.00 7.74 7.72
N THR A 382 1.81 8.29 6.51
CA THR A 382 2.39 9.57 6.16
C THR A 382 1.24 10.55 6.02
N LEU A 383 1.23 11.58 6.87
CA LEU A 383 0.21 12.61 6.84
C LEU A 383 0.86 13.88 6.29
N THR A 384 0.17 14.56 5.36
CA THR A 384 0.70 15.80 4.80
C THR A 384 -0.14 16.98 5.27
N TRP A 385 0.57 18.10 5.48
CA TRP A 385 -0.04 19.32 5.99
C TRP A 385 0.55 20.51 5.26
N GLN A 386 -0.20 21.62 5.31
CA GLN A 386 0.27 22.91 4.82
C GLN A 386 -0.25 24.02 5.73
N GLN A 387 0.50 25.13 5.73
CA GLN A 387 0.20 26.32 6.51
C GLN A 387 0.74 27.52 5.74
N MET A 388 0.02 28.66 5.80
CA MET A 388 0.40 29.85 5.04
C MET A 388 0.38 31.08 5.93
N THR A 389 1.35 31.99 5.70
CA THR A 389 1.24 33.37 6.16
C THR A 389 0.14 34.06 5.36
N ARG A 390 -0.35 35.20 5.88
CA ARG A 390 -1.26 36.03 5.11
C ARG A 390 -0.59 36.41 3.78
N GLU A 391 0.69 36.77 3.85
CA GLU A 391 1.40 37.35 2.72
C GLU A 391 1.44 36.36 1.57
N ALA A 392 1.54 35.06 1.89
CA ALA A 392 1.62 34.01 0.88
C ALA A 392 0.35 33.98 0.04
N THR A 393 -0.78 34.34 0.64
CA THR A 393 -2.07 34.23 -0.03
C THR A 393 -2.23 35.33 -1.10
N ARG A 394 -1.41 36.39 -1.04
CA ARG A 394 -1.54 37.50 -1.98
C ARG A 394 -1.51 36.95 -3.40
N GLN A 395 -0.53 36.08 -3.68
CA GLN A 395 -0.38 35.45 -4.98
C GLN A 395 -1.34 34.26 -5.13
N ILE A 396 -1.43 33.39 -4.10
CA ILE A 396 -2.13 32.11 -4.22
C ILE A 396 -3.64 32.32 -4.25
N GLY A 397 -4.15 33.26 -3.44
CA GLY A 397 -5.55 33.66 -3.50
C GLY A 397 -5.97 34.02 -4.93
N GLN A 398 -5.21 34.93 -5.55
CA GLN A 398 -5.46 35.40 -6.90
C GLN A 398 -5.62 34.23 -7.86
N VAL A 399 -4.59 33.38 -7.89
CA VAL A 399 -4.48 32.29 -8.85
C VAL A 399 -5.66 31.34 -8.63
N THR A 400 -6.00 31.10 -7.36
CA THR A 400 -7.09 30.21 -7.01
C THR A 400 -8.43 30.76 -7.48
N ALA A 401 -8.68 32.05 -7.23
CA ALA A 401 -9.96 32.65 -7.64
C ALA A 401 -10.09 32.54 -9.15
N ARG A 402 -9.06 32.98 -9.88
CA ARG A 402 -9.11 33.00 -11.35
C ARG A 402 -9.31 31.57 -11.87
N ILE A 403 -8.40 30.65 -11.53
CA ILE A 403 -8.53 29.27 -11.99
C ILE A 403 -9.92 28.72 -11.64
N SER A 404 -10.38 29.00 -10.42
CA SER A 404 -11.66 28.48 -9.94
C SER A 404 -12.79 28.91 -10.87
N ARG A 405 -12.82 30.21 -11.19
CA ARG A 405 -13.88 30.76 -12.02
C ARG A 405 -13.80 30.23 -13.45
N LEU A 406 -12.60 29.85 -13.92
CA LEU A 406 -12.47 29.16 -15.20
C LEU A 406 -13.06 27.76 -15.11
N GLU A 407 -13.00 27.14 -13.93
CA GLU A 407 -13.56 25.81 -13.74
C GLU A 407 -15.07 25.87 -13.53
N GLY A 408 -15.60 27.09 -13.32
CA GLY A 408 -17.01 27.26 -12.98
C GLY A 408 -17.29 26.96 -11.51
N MET A 409 -16.31 27.24 -10.63
CA MET A 409 -16.42 26.92 -9.22
C MET A 409 -16.45 28.22 -8.41
N GLU A 410 -17.62 28.88 -8.44
CA GLU A 410 -17.79 30.23 -7.94
C GLU A 410 -17.61 30.30 -6.42
N ALA A 411 -18.08 29.28 -5.70
CA ALA A 411 -17.98 29.22 -4.24
C ALA A 411 -16.53 28.99 -3.78
N HIS A 412 -15.79 28.16 -4.52
CA HIS A 412 -14.35 28.01 -4.31
C HIS A 412 -13.68 29.38 -4.35
N ALA A 413 -14.00 30.15 -5.38
CA ALA A 413 -13.34 31.43 -5.62
C ALA A 413 -13.59 32.38 -4.44
N ARG A 414 -14.80 32.35 -3.86
CA ARG A 414 -15.17 33.29 -2.81
C ARG A 414 -14.41 32.98 -1.51
N THR A 415 -13.99 31.72 -1.35
CA THR A 415 -13.09 31.35 -0.26
C THR A 415 -11.83 32.21 -0.35
N ALA A 416 -11.42 32.52 -1.59
CA ALA A 416 -10.24 33.33 -1.84
C ALA A 416 -10.58 34.82 -1.73
N ASP A 417 -11.71 35.24 -2.32
CA ASP A 417 -12.19 36.61 -2.21
C ASP A 417 -12.22 37.06 -0.75
N ASP A 418 -12.84 36.22 0.08
CA ASP A 418 -13.06 36.54 1.49
C ASP A 418 -11.72 36.77 2.19
N ARG A 419 -10.70 36.00 1.79
CA ARG A 419 -9.38 36.11 2.40
C ARG A 419 -8.67 37.35 1.87
N MET A 420 -8.75 37.56 0.55
CA MET A 420 -8.16 38.72 -0.10
C MET A 420 -8.74 40.00 0.53
N ALA A 421 -10.06 40.00 0.75
CA ALA A 421 -10.76 41.13 1.37
C ALA A 421 -10.24 41.34 2.78
N LYS A 422 -10.12 40.26 3.56
CA LYS A 422 -9.81 40.35 4.97
C LYS A 422 -8.35 40.71 5.20
N TYR A 423 -7.45 40.14 4.39
CA TYR A 423 -6.01 40.23 4.62
C TYR A 423 -5.41 41.46 3.95
N PHE A 424 -5.99 41.86 2.80
CA PHE A 424 -5.49 43.02 2.06
C PHE A 424 -6.67 43.95 1.75
N PRO A 425 -7.25 44.64 2.76
CA PRO A 425 -8.44 45.45 2.55
C PRO A 425 -8.23 46.58 1.54
N ASN A 426 -7.06 47.21 1.59
CA ASN A 426 -6.75 48.34 0.74
C ASN A 426 -5.89 47.86 -0.43
N ALA A 427 -6.46 46.97 -1.24
CA ALA A 427 -5.83 46.49 -2.46
C ALA A 427 -6.89 45.79 -3.30
N SER A 428 -6.82 45.98 -4.62
CA SER A 428 -7.74 45.30 -5.53
C SER A 428 -6.94 44.28 -6.34
N PHE A 429 -7.64 43.23 -6.79
CA PHE A 429 -7.00 42.11 -7.46
C PHE A 429 -7.91 41.65 -8.59
N GLU A 430 -7.29 41.13 -9.66
CA GLU A 430 -8.02 40.46 -10.74
C GLU A 430 -8.40 39.06 -10.28
N MET A 431 -9.64 38.91 -9.81
CA MET A 431 -10.08 37.69 -9.14
C MET A 431 -10.92 36.83 -10.09
N GLY A 432 -10.89 37.14 -11.39
CA GLY A 432 -11.67 36.40 -12.37
C GLY A 432 -13.11 36.90 -12.47
N THR A 433 -13.77 36.54 -13.58
CA THR A 433 -15.12 36.97 -13.87
C THR A 433 -16.11 36.01 -13.23
N PRO A 434 -16.98 36.46 -12.29
CA PRO A 434 -17.89 35.57 -11.58
C PRO A 434 -18.73 34.65 -12.46
N VAL A 435 -19.11 33.49 -11.91
CA VAL A 435 -19.90 32.51 -12.62
C VAL A 435 -21.38 32.88 -12.44
N GLU A 436 -22.07 33.05 -13.57
CA GLU A 436 -23.47 33.45 -13.59
C GLU A 436 -24.35 32.21 -13.70
N VAL A 437 -23.83 31.15 -14.34
CA VAL A 437 -24.56 29.92 -14.54
C VAL A 437 -24.47 29.07 -13.26
N MET B 2 -19.55 13.79 26.31
CA MET B 2 -19.86 15.25 26.30
C MET B 2 -20.02 15.73 24.85
N ILE B 3 -20.52 14.85 23.98
CA ILE B 3 -20.50 15.06 22.54
C ILE B 3 -21.94 15.06 22.02
N SER B 4 -22.34 16.11 21.31
CA SER B 4 -23.70 16.21 20.80
C SER B 4 -23.68 16.70 19.35
N TYR B 5 -24.43 15.98 18.48
CA TYR B 5 -24.65 16.38 17.11
C TYR B 5 -25.68 17.51 17.06
N LEU B 6 -25.22 18.73 16.79
CA LEU B 6 -26.12 19.87 16.55
C LEU B 6 -26.65 19.83 15.11
N LYS B 7 -26.07 18.98 14.26
CA LYS B 7 -26.65 18.70 12.95
C LYS B 7 -26.14 17.35 12.45
N LYS B 8 -27.07 16.45 12.12
CA LYS B 8 -26.74 15.11 11.69
C LYS B 8 -26.89 15.02 10.18
N ALA B 9 -26.25 13.99 9.59
CA ALA B 9 -26.48 13.61 8.21
C ALA B 9 -27.87 13.02 8.08
N GLU B 10 -28.61 13.47 7.06
CA GLU B 10 -30.00 13.05 6.89
C GLU B 10 -30.08 11.72 6.16
N LYS B 11 -29.07 11.39 5.33
CA LYS B 11 -29.12 10.18 4.52
C LYS B 11 -27.72 9.60 4.32
N THR B 12 -27.67 8.47 3.60
CA THR B 12 -26.44 7.82 3.18
C THR B 12 -26.57 7.48 1.70
N PRO B 13 -25.48 7.52 0.89
CA PRO B 13 -25.56 7.25 -0.55
C PRO B 13 -26.37 6.00 -0.92
N GLN B 14 -27.18 6.11 -1.99
CA GLN B 14 -28.14 5.08 -2.37
C GLN B 14 -27.50 4.09 -3.34
N THR B 15 -27.37 2.83 -2.89
CA THR B 15 -26.82 1.74 -3.70
C THR B 15 -25.35 2.02 -4.00
N ALA B 20 -23.89 -3.20 -12.31
CA ALA B 20 -24.05 -2.05 -13.24
C ALA B 20 -22.88 -2.00 -14.21
N GLN B 21 -21.66 -1.89 -13.67
CA GLN B 21 -20.44 -1.82 -14.47
C GLN B 21 -19.89 -3.22 -14.73
N LYS B 22 -20.59 -3.96 -15.61
CA LYS B 22 -20.20 -5.32 -15.97
C LYS B 22 -19.76 -5.37 -17.43
N VAL B 23 -20.10 -4.33 -18.21
CA VAL B 23 -19.80 -4.27 -19.64
C VAL B 23 -18.29 -4.30 -19.83
N VAL B 24 -17.56 -3.68 -18.89
CA VAL B 24 -16.10 -3.71 -18.85
C VAL B 24 -15.58 -5.03 -19.43
N THR B 25 -16.07 -6.16 -18.92
CA THR B 25 -15.58 -7.47 -19.29
C THR B 25 -15.60 -7.66 -20.81
N GLU B 26 -16.66 -7.15 -21.47
CA GLU B 26 -16.86 -7.30 -22.90
C GLU B 26 -15.89 -6.41 -23.65
N MET B 27 -15.87 -5.11 -23.32
CA MET B 27 -14.96 -4.15 -23.92
C MET B 27 -13.53 -4.65 -23.79
N LEU B 28 -13.20 -5.14 -22.59
CA LEU B 28 -11.87 -5.62 -22.25
C LEU B 28 -11.54 -6.85 -23.10
N ALA B 29 -12.46 -7.82 -23.12
CA ALA B 29 -12.28 -9.07 -23.83
C ALA B 29 -12.02 -8.80 -25.32
N GLU B 30 -12.71 -7.80 -25.87
CA GLU B 30 -12.52 -7.38 -27.25
C GLU B 30 -11.11 -6.78 -27.41
N ILE B 31 -10.80 -5.80 -26.56
CA ILE B 31 -9.51 -5.09 -26.59
C ILE B 31 -8.36 -6.10 -26.48
N GLN B 32 -8.51 -7.13 -25.62
CA GLN B 32 -7.49 -8.13 -25.41
C GLN B 32 -7.22 -8.91 -26.70
N ALA B 33 -8.29 -9.40 -27.34
CA ALA B 33 -8.16 -10.25 -28.51
C ALA B 33 -7.72 -9.43 -29.74
N ARG B 34 -8.14 -8.16 -29.80
CA ARG B 34 -8.03 -7.38 -31.04
C ARG B 34 -7.04 -6.22 -30.90
N GLY B 35 -6.82 -5.70 -29.69
CA GLY B 35 -5.77 -4.73 -29.44
C GLY B 35 -6.16 -3.32 -29.89
N LYS B 36 -5.26 -2.67 -30.62
CA LYS B 36 -5.44 -1.30 -31.08
C LYS B 36 -6.75 -1.17 -31.85
N ASP B 37 -6.92 -2.05 -32.85
CA ASP B 37 -8.13 -2.09 -33.65
C ASP B 37 -9.37 -1.94 -32.75
N ALA B 38 -9.47 -2.79 -31.72
CA ALA B 38 -10.64 -2.82 -30.85
C ALA B 38 -10.83 -1.48 -30.14
N VAL B 39 -9.72 -0.86 -29.72
CA VAL B 39 -9.79 0.43 -29.04
C VAL B 39 -10.24 1.50 -30.03
N ARG B 40 -9.69 1.46 -31.24
CA ARG B 40 -10.02 2.44 -32.28
C ARG B 40 -11.51 2.35 -32.59
N GLN B 41 -12.04 1.13 -32.60
CA GLN B 41 -13.47 0.86 -32.76
C GLN B 41 -14.28 1.71 -31.78
N TYR B 42 -13.92 1.61 -30.49
CA TYR B 42 -14.69 2.21 -29.41
C TYR B 42 -14.48 3.72 -29.34
N ALA B 43 -13.53 4.25 -30.12
CA ALA B 43 -13.24 5.68 -30.12
C ALA B 43 -14.30 6.44 -30.89
N LYS B 44 -14.63 5.97 -32.11
CA LYS B 44 -15.72 6.53 -32.89
C LYS B 44 -17.05 6.22 -32.21
N GLN B 45 -17.17 5.04 -31.62
CA GLN B 45 -18.44 4.52 -31.13
C GLN B 45 -18.87 5.21 -29.82
N LEU B 46 -17.92 5.79 -29.08
CA LEU B 46 -18.25 6.42 -27.80
C LEU B 46 -17.89 7.91 -27.78
N ASP B 47 -16.86 8.32 -28.55
CA ASP B 47 -16.36 9.69 -28.47
C ASP B 47 -16.41 10.38 -29.83
N GLY B 48 -16.88 9.68 -30.88
CA GLY B 48 -16.95 10.25 -32.21
C GLY B 48 -15.57 10.67 -32.74
N TRP B 49 -14.55 9.89 -32.39
CA TRP B 49 -13.17 10.17 -32.74
C TRP B 49 -12.67 9.19 -33.79
N SER B 50 -12.22 9.71 -34.94
CA SER B 50 -11.62 8.90 -35.98
C SER B 50 -10.24 9.45 -36.37
N GLY B 51 -9.64 10.25 -35.47
CA GLY B 51 -8.27 10.71 -35.64
C GLY B 51 -7.28 9.74 -35.01
N ASP B 52 -6.02 10.16 -34.86
CA ASP B 52 -5.02 9.37 -34.16
C ASP B 52 -5.26 9.49 -32.66
N ILE B 53 -4.84 8.46 -31.91
CA ILE B 53 -4.99 8.43 -30.47
C ILE B 53 -3.86 9.23 -29.84
N VAL B 54 -2.62 8.84 -30.15
CA VAL B 54 -1.43 9.48 -29.63
C VAL B 54 -1.27 10.83 -30.32
N LEU B 55 -1.24 11.92 -29.54
CA LEU B 55 -0.94 13.23 -30.09
C LEU B 55 0.56 13.37 -30.30
N THR B 56 0.94 14.20 -31.29
CA THR B 56 2.32 14.56 -31.56
C THR B 56 2.58 15.95 -30.97
N PRO B 57 3.85 16.34 -30.73
CA PRO B 57 4.16 17.67 -30.22
C PRO B 57 3.47 18.82 -30.95
N ASP B 58 3.37 18.72 -32.28
CA ASP B 58 2.70 19.72 -33.09
C ASP B 58 1.24 19.85 -32.66
N GLN B 59 0.54 18.70 -32.64
CA GLN B 59 -0.87 18.66 -32.25
C GLN B 59 -1.06 19.32 -30.88
N ILE B 60 -0.14 19.04 -29.95
CA ILE B 60 -0.25 19.54 -28.58
C ILE B 60 -0.11 21.06 -28.57
N ARG B 61 0.78 21.59 -29.40
CA ARG B 61 1.02 23.03 -29.47
C ARG B 61 -0.18 23.71 -30.13
N GLU B 62 -0.61 23.16 -31.28
CA GLU B 62 -1.76 23.68 -32.01
C GLU B 62 -2.97 23.76 -31.10
N GLN B 63 -3.35 22.61 -30.51
CA GLN B 63 -4.61 22.47 -29.81
C GLN B 63 -4.64 23.30 -28.53
N THR B 64 -3.49 23.89 -28.15
CA THR B 64 -3.40 24.69 -26.94
C THR B 64 -2.93 26.10 -27.25
N LYS B 65 -2.95 26.50 -28.53
CA LYS B 65 -2.40 27.78 -28.93
C LYS B 65 -3.37 28.91 -28.52
N ASP B 66 -4.65 28.57 -28.35
CA ASP B 66 -5.68 29.52 -27.95
C ASP B 66 -5.57 29.88 -26.46
N VAL B 67 -4.87 29.05 -25.67
CA VAL B 67 -4.80 29.26 -24.22
C VAL B 67 -3.90 30.46 -23.95
N PRO B 68 -4.41 31.52 -23.27
CA PRO B 68 -3.64 32.74 -23.04
C PRO B 68 -2.47 32.55 -22.06
N ALA B 69 -1.51 33.46 -22.12
CA ALA B 69 -0.29 33.38 -21.31
C ALA B 69 -0.59 33.66 -19.84
N GLY B 70 -1.64 34.44 -19.57
CA GLY B 70 -2.07 34.73 -18.20
C GLY B 70 -2.66 33.50 -17.52
N VAL B 71 -3.42 32.69 -18.28
CA VAL B 71 -4.02 31.46 -17.78
C VAL B 71 -2.93 30.42 -17.58
N ARG B 72 -2.00 30.33 -18.54
CA ARG B 72 -0.92 29.37 -18.49
C ARG B 72 -0.06 29.61 -17.25
N ALA B 73 0.27 30.89 -16.99
CA ALA B 73 1.08 31.26 -15.85
C ALA B 73 0.40 30.81 -14.56
N ASP B 74 -0.93 30.96 -14.50
CA ASP B 74 -1.71 30.53 -13.34
C ASP B 74 -1.58 29.03 -13.15
N ILE B 75 -1.77 28.25 -14.22
CA ILE B 75 -1.70 26.80 -14.12
C ILE B 75 -0.28 26.35 -13.77
N ASP B 76 0.73 26.90 -14.45
CA ASP B 76 2.11 26.52 -14.20
C ASP B 76 2.45 26.70 -12.73
N PHE B 77 2.01 27.82 -12.16
CA PHE B 77 2.25 28.13 -10.75
C PHE B 77 1.59 27.07 -9.87
N ALA B 78 0.34 26.73 -10.19
CA ALA B 78 -0.43 25.77 -9.41
C ALA B 78 0.30 24.43 -9.42
N ILE B 79 0.79 24.05 -10.60
CA ILE B 79 1.49 22.78 -10.76
C ILE B 79 2.77 22.82 -9.92
N ARG B 80 3.51 23.94 -9.95
CA ARG B 80 4.76 24.06 -9.22
C ARG B 80 4.54 23.82 -7.72
N GLN B 81 3.37 24.20 -7.20
CA GLN B 81 3.10 24.10 -5.78
C GLN B 81 2.86 22.64 -5.37
N VAL B 82 2.50 21.79 -6.34
CA VAL B 82 2.42 20.35 -6.13
C VAL B 82 3.80 19.71 -6.35
N THR B 83 4.43 20.03 -7.48
CA THR B 83 5.72 19.49 -7.85
C THR B 83 6.72 19.70 -6.73
N ASP B 84 6.81 20.94 -6.23
CA ASP B 84 7.89 21.29 -5.33
C ASP B 84 7.75 20.52 -4.01
N PHE B 85 6.51 20.24 -3.60
CA PHE B 85 6.26 19.40 -2.43
C PHE B 85 6.66 17.96 -2.72
N ALA B 86 6.21 17.45 -3.88
CA ALA B 86 6.50 16.08 -4.28
C ALA B 86 8.01 15.82 -4.35
N LEU B 87 8.80 16.81 -4.79
CA LEU B 87 10.25 16.66 -4.86
C LEU B 87 10.85 16.45 -3.47
N ALA B 88 10.40 17.22 -2.48
CA ALA B 88 10.85 17.05 -1.10
C ALA B 88 10.40 15.69 -0.56
N GLN B 89 9.14 15.33 -0.83
CA GLN B 89 8.60 14.09 -0.29
C GLN B 89 9.37 12.88 -0.81
N ARG B 90 9.82 12.94 -2.07
CA ARG B 90 10.57 11.84 -2.66
C ARG B 90 11.80 11.51 -1.82
N GLU B 91 12.47 12.54 -1.29
CA GLU B 91 13.74 12.37 -0.61
C GLU B 91 13.56 11.90 0.83
N SER B 92 12.30 11.79 1.29
CA SER B 92 12.00 11.41 2.66
C SER B 92 12.04 9.90 2.86
N LEU B 93 12.02 9.11 1.76
CA LEU B 93 12.19 7.68 1.85
C LEU B 93 13.61 7.30 1.41
N LYS B 94 14.44 6.89 2.37
CA LYS B 94 15.88 6.77 2.16
C LYS B 94 16.28 5.33 1.89
N GLU B 95 17.26 5.17 0.98
CA GLU B 95 18.01 3.94 0.85
C GLU B 95 18.98 3.82 2.01
N PHE B 96 19.32 2.60 2.42
CA PHE B 96 20.25 2.40 3.51
C PHE B 96 20.86 1.00 3.44
N SER B 97 21.99 0.86 4.13
CA SER B 97 22.59 -0.41 4.52
C SER B 97 22.73 -0.43 6.04
N VAL B 98 22.69 -1.63 6.62
CA VAL B 98 22.84 -1.78 8.06
C VAL B 98 23.50 -3.12 8.34
N GLU B 99 24.31 -3.17 9.41
CA GLU B 99 24.90 -4.42 9.87
C GLU B 99 24.14 -4.87 11.12
N LEU B 100 23.52 -6.05 11.03
CA LEU B 100 22.75 -6.64 12.12
C LEU B 100 23.71 -7.44 12.99
N HIS B 101 23.41 -8.73 13.21
CA HIS B 101 24.37 -9.70 13.71
C HIS B 101 25.67 -9.48 12.95
N PRO B 102 26.85 -9.54 13.64
CA PRO B 102 28.14 -9.36 12.96
C PRO B 102 28.26 -10.20 11.69
N GLY B 103 28.56 -9.51 10.58
CA GLY B 103 28.76 -10.14 9.28
C GLY B 103 27.46 -10.25 8.46
N VAL B 104 26.32 -9.81 9.03
CA VAL B 104 25.07 -9.75 8.30
C VAL B 104 24.84 -8.31 7.88
N THR B 105 24.81 -8.08 6.56
CA THR B 105 24.47 -6.78 6.02
C THR B 105 23.12 -6.88 5.33
N ALA B 106 22.31 -5.83 5.49
CA ALA B 106 20.99 -5.79 4.90
C ALA B 106 20.65 -4.36 4.53
N GLY B 107 19.71 -4.19 3.61
CA GLY B 107 19.42 -2.87 3.12
C GLY B 107 18.11 -2.78 2.36
N GLN B 108 17.89 -1.55 1.88
CA GLN B 108 16.68 -1.16 1.20
C GLN B 108 17.08 -0.32 0.00
N ARG B 109 16.66 -0.74 -1.19
CA ARG B 109 16.71 0.13 -2.35
C ARG B 109 15.34 0.77 -2.52
N VAL B 110 15.34 1.97 -3.09
CA VAL B 110 14.12 2.71 -3.41
C VAL B 110 14.21 3.12 -4.87
N LEU B 111 13.22 2.68 -5.66
CA LEU B 111 13.27 2.73 -7.10
C LEU B 111 11.94 3.28 -7.59
N PRO B 112 11.86 4.26 -8.51
CA PRO B 112 10.59 4.59 -9.15
C PRO B 112 10.15 3.45 -10.06
N VAL B 113 8.84 3.27 -10.21
CA VAL B 113 8.31 2.36 -11.21
C VAL B 113 8.63 2.94 -12.60
N ASN B 114 8.41 2.12 -13.64
CA ASN B 114 8.84 2.46 -14.98
C ASN B 114 7.82 3.36 -15.68
N VAL B 115 6.53 3.04 -15.53
CA VAL B 115 5.49 3.64 -16.35
C VAL B 115 4.24 3.88 -15.49
N VAL B 116 3.76 5.12 -15.51
CA VAL B 116 2.50 5.46 -14.86
C VAL B 116 1.52 6.02 -15.90
N GLY B 117 0.27 5.54 -15.84
CA GLY B 117 -0.82 6.07 -16.63
C GLY B 117 -1.73 6.96 -15.79
N CYS B 118 -2.07 8.14 -16.32
CA CYS B 118 -2.92 9.08 -15.61
C CYS B 118 -4.16 9.37 -16.45
N TYR B 119 -5.35 9.25 -15.83
CA TYR B 119 -6.60 9.54 -16.50
C TYR B 119 -7.23 10.80 -15.91
N ALA B 120 -7.63 11.72 -16.79
CA ALA B 120 -8.39 12.91 -16.41
C ALA B 120 -9.70 12.94 -17.20
N PRO B 121 -10.88 12.87 -16.52
CA PRO B 121 -12.16 12.59 -17.19
C PRO B 121 -12.78 13.78 -17.95
N ALA B 126 -15.17 19.77 -12.98
CA ALA B 126 -13.92 19.15 -12.49
C ALA B 126 -12.87 20.23 -12.24
N HIS B 127 -11.98 19.96 -11.28
CA HIS B 127 -10.79 20.77 -11.07
C HIS B 127 -9.74 20.37 -12.11
N ILE B 128 -9.07 21.37 -12.68
CA ILE B 128 -7.91 21.12 -13.54
C ILE B 128 -6.83 20.38 -12.74
N ALA B 129 -6.76 20.62 -11.42
CA ALA B 129 -5.83 19.91 -10.54
C ALA B 129 -5.96 18.40 -10.72
N SER B 130 -7.18 17.92 -11.01
CA SER B 130 -7.45 16.50 -11.19
C SER B 130 -6.73 15.94 -12.42
N ALA B 131 -6.27 16.83 -13.31
CA ALA B 131 -5.56 16.42 -14.52
C ALA B 131 -4.05 16.41 -14.28
N TYR B 132 -3.53 17.35 -13.48
CA TYR B 132 -2.09 17.55 -13.38
C TYR B 132 -1.50 16.88 -12.14
N MET B 133 -2.34 16.51 -11.15
CA MET B 133 -1.84 16.01 -9.87
C MET B 133 -1.11 14.68 -10.06
N GLY B 134 -1.74 13.74 -10.78
CA GLY B 134 -1.12 12.45 -11.03
C GLY B 134 0.18 12.56 -11.82
N VAL B 135 0.16 13.35 -12.90
CA VAL B 135 1.28 13.45 -13.82
C VAL B 135 2.47 14.08 -13.10
N ALA B 136 2.22 15.23 -12.45
CA ALA B 136 3.27 15.98 -11.76
C ALA B 136 3.88 15.15 -10.63
N THR B 137 3.04 14.37 -9.94
CA THR B 137 3.50 13.58 -8.80
C THR B 137 4.41 12.48 -9.31
N ALA B 138 3.97 11.75 -10.35
CA ALA B 138 4.73 10.66 -10.94
C ALA B 138 6.07 11.16 -11.50
N LYS B 139 6.09 12.32 -12.14
CA LYS B 139 7.33 12.83 -12.70
C LYS B 139 8.28 13.23 -11.55
N ALA B 140 7.74 13.85 -10.50
CA ALA B 140 8.57 14.24 -9.37
C ALA B 140 9.16 12.99 -8.69
N ALA B 141 8.42 11.88 -8.74
CA ALA B 141 8.88 10.62 -8.18
C ALA B 141 10.01 10.00 -9.01
N GLY B 142 10.21 10.49 -10.24
CA GLY B 142 11.27 10.01 -11.10
C GLY B 142 10.80 8.95 -12.09
N VAL B 143 9.48 8.79 -12.25
CA VAL B 143 8.96 7.83 -13.21
C VAL B 143 9.35 8.32 -14.61
N LYS B 144 9.96 7.45 -15.42
CA LYS B 144 10.54 7.88 -16.69
C LYS B 144 9.49 8.02 -17.80
N THR B 145 8.41 7.23 -17.74
CA THR B 145 7.35 7.35 -18.73
C THR B 145 6.01 7.58 -18.03
N VAL B 146 5.39 8.74 -18.30
CA VAL B 146 4.03 9.00 -17.85
C VAL B 146 3.13 9.15 -19.07
N VAL B 147 2.17 8.22 -19.18
CA VAL B 147 1.12 8.28 -20.20
C VAL B 147 -0.11 8.96 -19.58
N ALA B 148 -0.62 10.00 -20.25
CA ALA B 148 -1.81 10.71 -19.83
C ALA B 148 -2.91 10.58 -20.88
N CYS B 149 -4.13 10.22 -20.43
CA CYS B 149 -5.30 10.13 -21.29
C CYS B 149 -6.38 11.12 -20.84
N SER B 150 -7.18 11.58 -21.81
CA SER B 150 -8.38 12.34 -21.54
C SER B 150 -9.31 12.29 -22.75
N SER B 151 -10.59 11.96 -22.50
CA SER B 151 -11.58 11.81 -23.56
C SER B 151 -11.69 13.09 -24.38
N PRO B 152 -11.77 13.01 -25.73
CA PRO B 152 -11.68 14.20 -26.58
C PRO B 152 -12.86 15.18 -26.43
N ILE B 158 -9.54 17.18 -26.64
CA ILE B 158 -9.19 17.28 -25.19
C ILE B 158 -9.30 18.74 -24.77
N HIS B 159 -10.09 18.99 -23.72
CA HIS B 159 -10.24 20.33 -23.16
C HIS B 159 -8.86 20.99 -23.13
N PRO B 160 -8.66 22.12 -23.85
CA PRO B 160 -7.33 22.73 -23.97
C PRO B 160 -6.59 22.98 -22.66
N HIS B 161 -7.34 23.20 -21.58
CA HIS B 161 -6.78 23.42 -20.25
C HIS B 161 -6.19 22.10 -19.71
N VAL B 162 -6.94 21.01 -19.90
CA VAL B 162 -6.50 19.69 -19.50
C VAL B 162 -5.22 19.32 -20.26
N LEU B 163 -5.22 19.58 -21.57
CA LEU B 163 -4.11 19.22 -22.44
C LEU B 163 -2.88 20.07 -22.09
N TYR B 164 -3.09 21.34 -21.77
CA TYR B 164 -2.00 22.22 -21.37
C TYR B 164 -1.42 21.73 -20.05
N ALA B 165 -2.29 21.23 -19.17
CA ALA B 165 -1.93 20.78 -17.83
C ALA B 165 -1.03 19.55 -17.92
N PHE B 166 -1.46 18.55 -18.71
CA PHE B 166 -0.65 17.38 -18.99
C PHE B 166 0.78 17.78 -19.41
N GLN B 167 0.88 18.65 -20.41
CA GLN B 167 2.16 18.99 -21.01
C GLN B 167 3.03 19.77 -20.03
N ALA B 168 2.42 20.73 -19.32
CA ALA B 168 3.15 21.58 -18.39
C ALA B 168 3.63 20.77 -17.18
N ALA B 169 2.91 19.68 -16.86
CA ALA B 169 3.19 18.83 -15.71
C ALA B 169 4.24 17.78 -16.06
N GLY B 170 4.43 17.52 -17.35
CA GLY B 170 5.54 16.72 -17.83
C GLY B 170 5.14 15.35 -18.38
N ALA B 171 3.89 15.20 -18.84
CA ALA B 171 3.47 13.98 -19.50
C ALA B 171 4.39 13.68 -20.70
N ASP B 172 4.74 12.40 -20.88
CA ASP B 172 5.65 11.99 -21.97
C ASP B 172 4.85 11.59 -23.20
N VAL B 173 3.71 10.92 -22.99
CA VAL B 173 2.76 10.59 -24.05
C VAL B 173 1.38 11.08 -23.63
N ILE B 174 0.67 11.76 -24.54
CA ILE B 174 -0.70 12.18 -24.31
C ILE B 174 -1.60 11.56 -25.38
N MET B 175 -2.73 10.98 -24.94
CA MET B 175 -3.62 10.22 -25.80
C MET B 175 -5.05 10.72 -25.66
N ALA B 176 -5.63 11.16 -26.80
CA ALA B 176 -7.04 11.53 -26.87
C ALA B 176 -7.89 10.27 -26.84
N LEU B 177 -8.29 9.86 -25.64
CA LEU B 177 -8.91 8.56 -25.43
C LEU B 177 -9.60 8.57 -24.07
N GLY B 178 -10.75 7.89 -23.99
CA GLY B 178 -11.62 8.01 -22.83
C GLY B 178 -12.02 6.66 -22.23
N GLY B 179 -12.66 6.73 -21.07
CA GLY B 179 -13.33 5.59 -20.47
C GLY B 179 -12.43 4.36 -20.35
N VAL B 180 -13.05 3.18 -20.52
CA VAL B 180 -12.39 1.89 -20.34
C VAL B 180 -11.28 1.74 -21.37
N GLN B 181 -11.47 2.33 -22.56
CA GLN B 181 -10.48 2.27 -23.63
C GLN B 181 -9.17 2.84 -23.10
N ALA B 182 -9.26 4.02 -22.49
CA ALA B 182 -8.11 4.72 -21.94
C ALA B 182 -7.40 3.86 -20.90
N ILE B 183 -8.16 3.33 -19.94
CA ILE B 183 -7.57 2.61 -18.82
C ILE B 183 -6.92 1.33 -19.34
N ALA B 184 -7.62 0.58 -20.18
CA ALA B 184 -7.12 -0.67 -20.75
C ALA B 184 -5.94 -0.40 -21.69
N SER B 185 -5.98 0.72 -22.43
CA SER B 185 -4.90 1.09 -23.33
C SER B 185 -3.60 1.27 -22.55
N MET B 186 -3.70 2.02 -21.45
CA MET B 186 -2.54 2.32 -20.63
C MET B 186 -2.06 1.05 -19.92
N ALA B 187 -3.01 0.21 -19.51
CA ALA B 187 -2.73 -0.99 -18.75
C ALA B 187 -2.02 -2.04 -19.61
N TYR B 188 -2.52 -2.24 -20.83
CA TYR B 188 -1.92 -3.18 -21.77
C TYR B 188 -0.76 -2.50 -22.49
N GLY B 189 -0.76 -1.16 -22.52
CA GLY B 189 0.32 -0.40 -23.13
C GLY B 189 0.20 -0.38 -24.64
N LEU B 190 -1.05 -0.37 -25.12
CA LEU B 190 -1.32 -0.28 -26.54
C LEU B 190 -0.95 1.12 -26.99
N PHE B 191 -0.44 1.23 -28.23
CA PHE B 191 -0.09 2.49 -28.87
C PHE B 191 1.34 2.90 -28.53
N THR B 192 1.76 2.71 -27.27
CA THR B 192 3.07 3.14 -26.81
C THR B 192 4.05 1.97 -26.70
N GLY B 193 3.51 0.76 -26.45
CA GLY B 193 4.33 -0.41 -26.19
C GLY B 193 4.87 -0.44 -24.75
N LYS B 194 4.31 0.40 -23.87
CA LYS B 194 4.80 0.54 -22.51
C LYS B 194 3.66 0.35 -21.52
N PRO B 195 3.41 -0.89 -21.06
CA PRO B 195 2.38 -1.18 -20.06
C PRO B 195 2.62 -0.43 -18.76
N ALA B 196 1.59 0.28 -18.28
CA ALA B 196 1.70 1.04 -17.04
C ALA B 196 1.81 0.09 -15.85
N ASP B 197 2.71 0.39 -14.92
CA ASP B 197 2.86 -0.37 -13.69
C ASP B 197 1.69 -0.06 -12.76
N VAL B 198 1.08 1.12 -12.96
CA VAL B 198 -0.12 1.50 -12.24
C VAL B 198 -0.81 2.61 -13.03
N VAL B 199 -2.15 2.64 -12.97
CA VAL B 199 -2.94 3.70 -13.57
C VAL B 199 -3.66 4.45 -12.46
N VAL B 200 -3.83 5.76 -12.63
CA VAL B 200 -4.42 6.62 -11.61
C VAL B 200 -5.27 7.70 -12.28
N GLY B 201 -6.13 8.33 -11.47
CA GLY B 201 -6.97 9.43 -11.91
C GLY B 201 -8.33 9.40 -11.23
N PRO B 202 -9.14 10.47 -11.35
CA PRO B 202 -10.56 10.40 -11.01
C PRO B 202 -11.38 9.94 -12.21
N GLY B 203 -12.28 8.98 -11.99
CA GLY B 203 -13.05 8.40 -13.08
C GLY B 203 -14.51 8.15 -12.70
N ASN B 204 -15.29 7.68 -13.69
CA ASN B 204 -16.66 7.24 -13.46
C ASN B 204 -16.62 5.81 -12.92
N LYS B 205 -17.80 5.20 -12.74
CA LYS B 205 -17.91 3.85 -12.19
C LYS B 205 -17.41 2.82 -13.21
N PHE B 206 -17.50 3.16 -14.50
CA PHE B 206 -16.95 2.33 -15.57
C PHE B 206 -15.42 2.31 -15.48
N VAL B 207 -14.83 3.51 -15.40
CA VAL B 207 -13.40 3.66 -15.20
C VAL B 207 -13.00 3.03 -13.87
N ALA B 208 -13.85 3.18 -12.84
CA ALA B 208 -13.58 2.63 -11.52
C ALA B 208 -13.51 1.10 -11.58
N GLU B 209 -14.41 0.48 -12.36
CA GLU B 209 -14.45 -0.97 -12.49
C GLU B 209 -13.31 -1.43 -13.41
N ALA B 210 -12.91 -0.56 -14.35
CA ALA B 210 -11.84 -0.86 -15.30
C ALA B 210 -10.50 -0.99 -14.57
N LYS B 211 -10.15 0.01 -13.74
CA LYS B 211 -8.95 -0.04 -12.92
C LYS B 211 -9.04 -1.19 -11.91
N ARG B 212 -10.26 -1.40 -11.38
CA ARG B 212 -10.54 -2.44 -10.40
C ARG B 212 -10.38 -3.83 -11.02
N SER B 213 -10.47 -3.90 -12.36
CA SER B 213 -10.31 -5.14 -13.09
C SER B 213 -8.85 -5.39 -13.46
N LEU B 214 -8.09 -4.31 -13.68
CA LEU B 214 -6.79 -4.40 -14.33
C LEU B 214 -5.66 -4.48 -13.29
N TYR B 215 -5.74 -3.67 -12.22
CA TYR B 215 -4.82 -3.83 -11.10
C TYR B 215 -5.55 -3.87 -9.75
N GLY B 216 -6.88 -3.69 -9.77
CA GLY B 216 -7.65 -3.50 -8.55
C GLY B 216 -7.13 -4.29 -7.37
N PRO B 226 -16.92 12.17 -4.08
CA PRO B 226 -17.23 13.59 -3.86
C PRO B 226 -16.29 14.26 -2.87
N SER B 227 -15.98 15.53 -3.13
CA SER B 227 -14.96 16.26 -2.38
C SER B 227 -15.45 16.64 -0.99
N GLU B 228 -14.81 16.06 0.02
CA GLU B 228 -15.13 16.32 1.42
C GLU B 228 -14.49 17.64 1.87
N VAL B 229 -15.02 18.21 2.96
CA VAL B 229 -14.35 19.27 3.69
C VAL B 229 -14.77 19.19 5.16
N ALA B 230 -13.78 19.25 6.06
CA ALA B 230 -14.04 19.32 7.48
C ALA B 230 -13.30 20.51 8.06
N VAL B 231 -13.94 21.21 9.00
CA VAL B 231 -13.31 22.31 9.70
C VAL B 231 -13.36 22.02 11.20
N ILE B 232 -12.19 22.05 11.83
CA ILE B 232 -12.07 22.10 13.27
C ILE B 232 -11.93 23.57 13.64
N ALA B 233 -12.79 24.06 14.55
CA ALA B 233 -12.84 25.46 14.90
C ALA B 233 -13.07 25.63 16.40
N ASP B 234 -12.37 26.59 17.01
CA ASP B 234 -12.63 26.98 18.39
C ASP B 234 -13.22 28.39 18.38
N GLU B 235 -13.31 29.02 19.55
CA GLU B 235 -14.02 30.28 19.70
C GLU B 235 -13.28 31.43 19.02
N THR B 236 -12.01 31.20 18.61
CA THR B 236 -11.23 32.25 17.95
C THR B 236 -11.46 32.25 16.45
N ALA B 237 -12.14 31.22 15.93
CA ALA B 237 -12.35 31.09 14.50
C ALA B 237 -13.32 32.15 14.03
N ASP B 238 -13.09 32.66 12.81
CA ASP B 238 -14.00 33.58 12.15
C ASP B 238 -15.08 32.75 11.44
N PRO B 239 -16.34 32.75 11.93
CA PRO B 239 -17.39 31.88 11.38
C PRO B 239 -17.78 32.21 9.94
N ALA B 240 -17.52 33.45 9.51
CA ALA B 240 -17.72 33.84 8.12
C ALA B 240 -16.79 33.03 7.21
N ILE B 241 -15.52 32.92 7.61
CA ILE B 241 -14.54 32.18 6.82
C ILE B 241 -14.85 30.69 6.91
N VAL B 242 -15.28 30.22 8.10
CA VAL B 242 -15.55 28.81 8.30
C VAL B 242 -16.73 28.38 7.43
N ALA B 243 -17.76 29.25 7.34
CA ALA B 243 -18.95 28.97 6.56
C ALA B 243 -18.62 28.95 5.07
N SER B 244 -17.90 29.98 4.63
CA SER B 244 -17.48 30.11 3.24
C SER B 244 -16.69 28.88 2.78
N ASP B 245 -15.84 28.34 3.68
CA ASP B 245 -14.99 27.20 3.35
C ASP B 245 -15.82 25.92 3.23
N LEU B 246 -16.82 25.76 4.10
CA LEU B 246 -17.71 24.60 4.04
C LEU B 246 -18.54 24.66 2.76
N VAL B 247 -19.04 25.86 2.47
CA VAL B 247 -19.81 26.13 1.27
C VAL B 247 -18.95 25.82 0.05
N GLY B 248 -17.67 26.22 0.14
CA GLY B 248 -16.69 26.06 -0.94
C GLY B 248 -16.74 24.70 -1.62
N GLN B 249 -16.79 23.61 -0.83
CA GLN B 249 -16.73 22.26 -1.39
C GLN B 249 -18.12 21.64 -1.50
N ALA B 250 -19.11 22.21 -0.80
CA ALA B 250 -20.47 21.72 -0.93
C ALA B 250 -20.94 21.91 -2.37
N GLU B 251 -20.49 22.99 -3.00
CA GLU B 251 -20.92 23.36 -4.35
C GLU B 251 -20.48 22.32 -5.39
N HIS B 252 -19.70 21.31 -5.00
CA HIS B 252 -19.20 20.32 -5.95
C HIS B 252 -20.34 19.47 -6.51
N GLY B 253 -21.02 18.76 -5.61
CA GLY B 253 -22.16 17.95 -5.99
C GLY B 253 -23.22 17.99 -4.90
N HIS B 254 -24.20 17.08 -5.01
CA HIS B 254 -25.25 16.95 -4.02
C HIS B 254 -24.82 15.94 -2.95
N GLU B 255 -23.61 15.37 -3.10
CA GLU B 255 -23.12 14.34 -2.19
C GLU B 255 -21.86 14.75 -1.45
N SER B 256 -21.42 16.02 -1.58
CA SER B 256 -20.21 16.51 -0.94
C SER B 256 -20.45 16.74 0.56
N PRO B 257 -19.84 15.93 1.48
CA PRO B 257 -19.95 16.18 2.92
C PRO B 257 -19.13 17.38 3.40
N ALA B 258 -19.74 18.17 4.29
CA ALA B 258 -19.12 19.33 4.91
C ALA B 258 -19.31 19.26 6.43
N TRP B 259 -18.24 18.94 7.18
CA TRP B 259 -18.33 18.69 8.61
C TRP B 259 -17.66 19.79 9.43
N LEU B 260 -18.34 20.22 10.51
CA LEU B 260 -17.76 21.16 11.48
C LEU B 260 -17.62 20.45 12.82
N PHE B 261 -16.37 20.34 13.30
CA PHE B 261 -16.09 19.85 14.64
C PHE B 261 -15.65 21.05 15.46
N THR B 262 -16.28 21.27 16.62
CA THR B 262 -16.06 22.49 17.39
C THR B 262 -16.29 22.27 18.89
N THR B 263 -15.63 23.10 19.70
CA THR B 263 -15.85 23.16 21.13
C THR B 263 -16.62 24.42 21.50
N SER B 264 -17.16 25.13 20.50
CA SER B 264 -17.82 26.41 20.70
C SER B 264 -19.23 26.37 20.09
N ARG B 265 -20.25 26.51 20.94
CA ARG B 265 -21.63 26.51 20.49
C ARG B 265 -21.93 27.80 19.73
N ASP B 266 -21.31 28.90 20.18
CA ASP B 266 -21.49 30.20 19.57
C ASP B 266 -21.10 30.17 18.09
N LEU B 267 -19.91 29.64 17.80
CA LEU B 267 -19.46 29.52 16.43
C LEU B 267 -20.37 28.57 15.67
N ALA B 268 -20.69 27.42 16.27
CA ALA B 268 -21.49 26.40 15.62
C ALA B 268 -22.85 26.96 15.19
N ASP B 269 -23.46 27.81 16.04
CA ASP B 269 -24.75 28.39 15.74
C ASP B 269 -24.62 29.44 14.64
N ARG B 270 -23.60 30.31 14.77
CA ARG B 270 -23.40 31.40 13.83
C ARG B 270 -23.00 30.86 12.45
N VAL B 271 -22.28 29.73 12.43
CA VAL B 271 -21.98 29.03 11.19
C VAL B 271 -23.27 28.41 10.64
N MET B 272 -23.97 27.63 11.48
CA MET B 272 -25.22 27.00 11.08
C MET B 272 -26.20 28.06 10.56
N ALA B 273 -26.02 29.32 10.98
CA ALA B 273 -26.86 30.42 10.54
C ALA B 273 -26.41 30.99 9.19
N LEU B 274 -25.09 31.14 9.01
CA LEU B 274 -24.58 31.89 7.86
C LEU B 274 -24.49 31.02 6.61
N VAL B 275 -24.39 29.69 6.79
CA VAL B 275 -24.19 28.79 5.67
C VAL B 275 -25.37 28.91 4.70
N PRO B 276 -26.64 28.71 5.12
CA PRO B 276 -27.77 28.82 4.21
C PRO B 276 -27.75 30.14 3.44
N GLU B 277 -27.34 31.23 4.12
CA GLU B 277 -27.33 32.57 3.54
C GLU B 277 -26.23 32.72 2.50
N LEU B 278 -25.09 32.04 2.70
CA LEU B 278 -24.04 31.99 1.68
C LEU B 278 -24.54 31.17 0.49
N ILE B 279 -25.10 29.98 0.75
CA ILE B 279 -25.60 29.12 -0.32
C ILE B 279 -26.58 29.90 -1.19
N ALA B 280 -27.53 30.60 -0.53
CA ALA B 280 -28.60 31.31 -1.20
C ALA B 280 -28.07 32.38 -2.16
N LYS B 281 -26.83 32.84 -1.94
CA LYS B 281 -26.27 33.93 -2.73
C LYS B 281 -25.39 33.39 -3.87
N LEU B 282 -25.28 32.05 -3.98
CA LEU B 282 -24.50 31.43 -5.03
C LEU B 282 -25.33 31.42 -6.32
N PRO B 283 -24.66 31.38 -7.50
CA PRO B 283 -25.38 31.24 -8.78
C PRO B 283 -26.09 29.90 -8.88
N PRO B 284 -27.07 29.76 -9.80
CA PRO B 284 -28.01 28.63 -9.78
C PRO B 284 -27.41 27.25 -9.51
N THR B 285 -26.50 26.79 -10.37
CA THR B 285 -26.03 25.41 -10.32
C THR B 285 -25.41 25.11 -8.95
N ALA B 286 -24.57 26.04 -8.47
CA ALA B 286 -23.88 25.89 -7.20
C ALA B 286 -24.88 25.94 -6.04
N ARG B 287 -25.83 26.89 -6.12
CA ARG B 287 -26.88 27.02 -5.12
CA ARG B 287 -26.87 27.01 -5.10
C ARG B 287 -27.60 25.67 -4.97
N ASP B 288 -27.99 25.09 -6.11
CA ASP B 288 -28.69 23.81 -6.14
C ASP B 288 -27.82 22.72 -5.52
N ALA B 289 -26.57 22.63 -5.99
CA ALA B 289 -25.64 21.62 -5.52
C ALA B 289 -25.45 21.73 -4.00
N ALA B 290 -25.20 22.95 -3.51
CA ALA B 290 -24.79 23.19 -2.13
C ALA B 290 -25.96 23.06 -1.14
N THR B 291 -27.16 23.47 -1.58
CA THR B 291 -28.37 23.29 -0.81
C THR B 291 -28.53 21.82 -0.45
N ALA B 292 -28.57 20.97 -1.49
CA ALA B 292 -28.81 19.55 -1.32
C ALA B 292 -27.76 18.93 -0.39
N ALA B 293 -26.50 19.31 -0.62
CA ALA B 293 -25.36 18.68 0.03
C ALA B 293 -25.34 19.04 1.52
N TRP B 294 -25.43 20.35 1.78
CA TRP B 294 -25.44 20.85 3.14
C TRP B 294 -26.57 20.22 3.93
N ARG B 295 -27.75 20.10 3.30
CA ARG B 295 -28.92 19.50 3.92
C ARG B 295 -28.64 18.05 4.30
N ASP B 296 -28.19 17.26 3.32
CA ASP B 296 -28.20 15.81 3.42
C ASP B 296 -26.93 15.29 4.11
N TYR B 297 -25.81 16.00 3.96
CA TYR B 297 -24.51 15.49 4.37
C TYR B 297 -23.80 16.42 5.36
N GLY B 298 -24.23 17.68 5.45
CA GLY B 298 -23.70 18.60 6.45
C GLY B 298 -23.83 18.04 7.87
N GLU B 299 -22.75 18.17 8.65
CA GLU B 299 -22.77 17.79 10.06
C GLU B 299 -22.08 18.87 10.88
N VAL B 300 -22.63 19.14 12.07
CA VAL B 300 -22.03 20.08 13.02
C VAL B 300 -22.00 19.38 14.37
N ILE B 301 -20.80 19.08 14.87
CA ILE B 301 -20.65 18.32 16.10
C ILE B 301 -19.94 19.17 17.15
N LEU B 302 -20.62 19.31 18.30
CA LEU B 302 -20.10 20.05 19.44
C LEU B 302 -19.47 19.07 20.42
N CYS B 303 -18.29 19.44 20.95
CA CYS B 303 -17.56 18.58 21.86
C CYS B 303 -17.15 19.38 23.09
N GLY B 304 -16.93 18.67 24.20
CA GLY B 304 -16.53 19.31 25.46
C GLY B 304 -15.08 19.77 25.43
N THR B 305 -14.19 18.90 24.92
CA THR B 305 -12.76 19.10 25.04
C THR B 305 -12.09 18.93 23.67
N ARG B 306 -10.88 19.49 23.54
CA ARG B 306 -10.08 19.29 22.35
C ARG B 306 -9.88 17.79 22.10
N GLU B 307 -9.74 17.01 23.17
CA GLU B 307 -9.45 15.59 23.06
C GLU B 307 -10.60 14.85 22.38
N GLU B 308 -11.83 15.33 22.61
CA GLU B 308 -13.03 14.71 22.04
C GLU B 308 -13.13 15.04 20.55
N VAL B 309 -12.73 16.27 20.17
CA VAL B 309 -12.69 16.68 18.78
C VAL B 309 -11.71 15.77 18.02
N VAL B 310 -10.52 15.54 18.60
CA VAL B 310 -9.52 14.67 18.01
C VAL B 310 -10.12 13.28 17.78
N GLU B 311 -10.77 12.75 18.81
CA GLU B 311 -11.38 11.42 18.77
C GLU B 311 -12.38 11.34 17.62
N ILE B 312 -13.16 12.41 17.45
CA ILE B 312 -14.18 12.47 16.42
C ILE B 312 -13.52 12.64 15.06
N SER B 313 -12.66 13.67 14.93
CA SER B 313 -12.03 13.98 13.65
C SER B 313 -11.34 12.75 13.08
N ASP B 314 -10.64 12.01 13.94
CA ASP B 314 -9.87 10.83 13.53
C ASP B 314 -10.81 9.72 13.06
N ARG B 315 -12.02 9.68 13.63
CA ARG B 315 -13.00 8.66 13.26
C ARG B 315 -13.57 8.99 11.88
N TYR B 316 -13.81 10.27 11.59
CA TYR B 316 -14.38 10.70 10.32
C TYR B 316 -13.32 10.78 9.21
N ALA B 317 -12.07 11.06 9.59
CA ALA B 317 -10.93 11.07 8.68
C ALA B 317 -11.23 11.79 7.36
N SER B 318 -11.65 13.06 7.45
CA SER B 318 -11.93 13.88 6.27
C SER B 318 -10.72 13.93 5.34
N GLU B 319 -11.00 13.93 4.03
CA GLU B 319 -9.98 14.01 2.99
C GLU B 319 -9.31 15.38 3.05
N HIS B 320 -10.12 16.40 3.35
CA HIS B 320 -9.65 17.77 3.50
C HIS B 320 -10.06 18.29 4.88
N LEU B 321 -9.06 18.60 5.72
CA LEU B 321 -9.32 18.99 7.10
C LEU B 321 -8.63 20.31 7.38
N GLU B 322 -9.45 21.35 7.62
CA GLU B 322 -8.97 22.65 8.03
C GLU B 322 -8.98 22.75 9.54
N VAL B 323 -8.04 23.54 10.08
CA VAL B 323 -7.95 23.76 11.50
C VAL B 323 -7.88 25.27 11.75
N HIS B 324 -8.97 25.83 12.29
CA HIS B 324 -9.02 27.24 12.63
C HIS B 324 -9.13 27.35 14.15
N THR B 325 -7.98 27.33 14.82
CA THR B 325 -7.95 27.31 16.27
C THR B 325 -6.74 28.10 16.76
N ALA B 326 -6.76 28.43 18.05
CA ALA B 326 -5.53 28.76 18.75
C ALA B 326 -4.68 27.49 18.79
N ASP B 327 -3.38 27.64 19.03
CA ASP B 327 -2.53 26.51 19.37
C ASP B 327 -2.58 25.44 18.27
N LEU B 328 -2.25 25.86 17.05
CA LEU B 328 -2.25 24.99 15.88
C LEU B 328 -1.25 23.84 16.03
N ASP B 329 -0.13 24.09 16.71
CA ASP B 329 0.88 23.07 16.92
C ASP B 329 0.29 21.86 17.63
N TRP B 330 -0.65 22.08 18.57
CA TRP B 330 -1.23 20.99 19.35
C TRP B 330 -2.01 20.05 18.45
N TRP B 331 -2.79 20.63 17.52
CA TRP B 331 -3.61 19.86 16.61
C TRP B 331 -2.76 19.11 15.61
N LEU B 332 -1.71 19.75 15.10
CA LEU B 332 -0.78 19.08 14.22
C LEU B 332 -0.21 17.85 14.91
N ALA B 333 0.07 17.97 16.21
CA ALA B 333 0.68 16.89 16.97
C ALA B 333 -0.32 15.76 17.26
N ASN B 334 -1.60 16.09 17.46
CA ASN B 334 -2.55 15.15 18.04
C ASN B 334 -3.47 14.50 17.00
N LEU B 335 -3.78 15.18 15.90
CA LEU B 335 -4.65 14.61 14.87
C LEU B 335 -3.90 13.48 14.15
N THR B 336 -4.59 12.35 13.89
CA THR B 336 -3.89 11.17 13.38
C THR B 336 -4.50 10.59 12.10
N CYS B 337 -5.71 11.00 11.71
CA CYS B 337 -6.38 10.42 10.55
C CYS B 337 -7.03 11.52 9.70
N TYR B 338 -6.49 11.74 8.50
CA TYR B 338 -7.02 12.71 7.55
C TYR B 338 -6.28 12.51 6.22
N GLY B 339 -6.81 13.09 5.14
CA GLY B 339 -6.18 13.05 3.84
C GLY B 339 -5.12 14.14 3.66
N SER B 340 -5.48 15.36 4.05
CA SER B 340 -4.65 16.53 3.84
C SER B 340 -5.02 17.58 4.89
N LEU B 341 -4.03 18.08 5.64
CA LEU B 341 -4.33 19.01 6.71
C LEU B 341 -4.07 20.44 6.22
N PHE B 342 -5.06 21.30 6.45
CA PHE B 342 -4.94 22.73 6.19
C PHE B 342 -4.89 23.46 7.52
N LEU B 343 -3.71 23.92 7.90
CA LEU B 343 -3.44 24.33 9.26
C LEU B 343 -3.48 25.85 9.34
N GLY B 344 -4.43 26.38 10.13
CA GLY B 344 -4.65 27.80 10.24
C GLY B 344 -5.68 28.29 9.23
N GLU B 345 -6.05 29.58 9.34
CA GLU B 345 -7.11 30.16 8.53
C GLU B 345 -6.61 30.55 7.15
N GLU B 346 -5.33 30.90 7.04
CA GLU B 346 -4.83 31.56 5.86
C GLU B 346 -4.93 30.63 4.66
N THR B 347 -4.41 29.39 4.78
CA THR B 347 -4.56 28.42 3.71
C THR B 347 -6.00 27.93 3.70
N THR B 348 -6.40 27.29 2.61
CA THR B 348 -7.74 26.72 2.52
C THR B 348 -7.79 25.67 1.41
N VAL B 349 -8.81 24.82 1.47
CA VAL B 349 -8.91 23.63 0.65
C VAL B 349 -8.81 23.98 -0.83
N ALA B 350 -9.37 25.12 -1.23
CA ALA B 350 -9.43 25.50 -2.63
C ALA B 350 -8.04 25.81 -3.18
N PHE B 351 -7.10 26.19 -2.30
CA PHE B 351 -5.74 26.49 -2.72
C PHE B 351 -5.05 25.25 -3.29
N GLY B 352 -5.49 24.05 -2.90
CA GLY B 352 -5.00 22.82 -3.50
C GLY B 352 -4.30 21.90 -2.50
N ASP B 353 -4.46 20.60 -2.74
CA ASP B 353 -3.75 19.56 -2.02
C ASP B 353 -2.31 19.46 -2.51
N LYS B 354 -1.46 18.86 -1.69
CA LYS B 354 -0.12 18.47 -2.11
C LYS B 354 -0.12 16.99 -2.47
N THR B 355 -0.98 16.22 -1.77
CA THR B 355 -1.19 14.81 -2.02
C THR B 355 -2.68 14.49 -1.86
N SER B 356 -3.12 13.30 -2.30
CA SER B 356 -4.48 12.83 -2.08
C SER B 356 -4.47 11.57 -1.24
N GLY B 357 -5.49 11.40 -0.39
CA GLY B 357 -5.52 10.38 0.65
C GLY B 357 -6.26 9.13 0.22
N GLY B 373 -3.67 6.30 -1.37
CA GLY B 373 -3.88 7.62 -1.98
C GLY B 373 -2.83 7.94 -3.05
N LEU B 374 -2.73 9.22 -3.42
CA LEU B 374 -1.79 9.66 -4.44
C LEU B 374 -0.67 10.47 -3.79
N SER B 375 0.55 9.93 -3.86
CA SER B 375 1.76 10.65 -3.50
C SER B 375 2.94 10.02 -4.23
N VAL B 376 4.13 10.65 -4.16
CA VAL B 376 5.33 10.06 -4.73
C VAL B 376 5.52 8.63 -4.21
N HIS B 377 5.14 8.38 -2.95
CA HIS B 377 5.41 7.09 -2.33
C HIS B 377 4.68 5.96 -3.07
N LYS B 378 3.55 6.31 -3.70
CA LYS B 378 2.75 5.36 -4.45
C LYS B 378 3.49 4.86 -5.69
N PHE B 379 4.47 5.63 -6.15
CA PHE B 379 5.14 5.36 -7.42
C PHE B 379 6.57 4.88 -7.20
N MET B 380 6.89 4.48 -5.97
CA MET B 380 8.24 4.03 -5.65
C MET B 380 8.17 2.65 -5.03
N LYS B 381 9.14 1.82 -5.40
CA LYS B 381 9.33 0.48 -4.86
C LYS B 381 10.39 0.53 -3.76
N THR B 382 10.15 -0.22 -2.70
CA THR B 382 11.22 -0.56 -1.77
C THR B 382 11.58 -2.02 -2.02
N LEU B 383 12.87 -2.27 -2.18
CA LEU B 383 13.38 -3.62 -2.31
C LEU B 383 14.38 -3.81 -1.18
N THR B 384 14.26 -4.95 -0.48
CA THR B 384 15.14 -5.27 0.62
C THR B 384 16.03 -6.44 0.24
N TRP B 385 17.27 -6.39 0.72
CA TRP B 385 18.27 -7.40 0.43
C TRP B 385 19.03 -7.75 1.71
N GLN B 386 19.66 -8.93 1.70
CA GLN B 386 20.59 -9.34 2.73
C GLN B 386 21.79 -10.04 2.10
N GLN B 387 22.91 -9.97 2.83
CA GLN B 387 24.15 -10.63 2.46
C GLN B 387 24.88 -11.02 3.74
N MET B 388 25.61 -12.14 3.72
CA MET B 388 26.28 -12.63 4.91
C MET B 388 27.72 -13.01 4.60
N THR B 389 28.58 -12.84 5.60
CA THR B 389 29.90 -13.47 5.59
C THR B 389 29.72 -14.93 5.96
N ARG B 390 30.74 -15.76 5.71
CA ARG B 390 30.75 -17.14 6.18
C ARG B 390 30.65 -17.20 7.70
N GLU B 391 31.37 -16.30 8.39
CA GLU B 391 31.41 -16.29 9.84
C GLU B 391 30.01 -16.11 10.43
N ALA B 392 29.18 -15.29 9.81
CA ALA B 392 27.84 -15.05 10.31
C ALA B 392 27.02 -16.34 10.28
N THR B 393 27.24 -17.20 9.28
CA THR B 393 26.46 -18.42 9.11
C THR B 393 26.82 -19.47 10.16
N ARG B 394 27.94 -19.30 10.86
CA ARG B 394 28.36 -20.25 11.87
C ARG B 394 27.25 -20.38 12.91
N GLN B 395 26.74 -19.25 13.41
CA GLN B 395 25.62 -19.26 14.33
C GLN B 395 24.28 -19.34 13.61
N ILE B 396 24.10 -18.54 12.54
CA ILE B 396 22.79 -18.45 11.89
C ILE B 396 22.39 -19.81 11.31
N GLY B 397 23.35 -20.53 10.75
CA GLY B 397 23.09 -21.80 10.10
C GLY B 397 22.64 -22.89 11.08
N GLN B 398 23.23 -22.92 12.27
CA GLN B 398 22.88 -23.97 13.24
C GLN B 398 21.56 -23.63 13.93
N VAL B 399 21.31 -22.34 14.19
CA VAL B 399 19.99 -21.92 14.65
C VAL B 399 18.94 -22.34 13.63
N THR B 400 19.25 -22.13 12.35
CA THR B 400 18.31 -22.43 11.28
C THR B 400 18.04 -23.92 11.19
N ALA B 401 19.10 -24.73 11.24
CA ALA B 401 18.97 -26.18 11.15
C ALA B 401 18.10 -26.73 12.29
N ARG B 402 18.28 -26.19 13.50
CA ARG B 402 17.56 -26.68 14.68
C ARG B 402 16.09 -26.28 14.63
N ILE B 403 15.82 -25.01 14.32
CA ILE B 403 14.45 -24.53 14.19
C ILE B 403 13.75 -25.31 13.08
N SER B 404 14.43 -25.47 11.94
CA SER B 404 13.87 -26.16 10.80
C SER B 404 13.43 -27.59 11.17
N ARG B 405 14.30 -28.31 11.89
CA ARG B 405 14.02 -29.70 12.20
C ARG B 405 12.89 -29.81 13.22
N LEU B 406 12.77 -28.84 14.14
CA LEU B 406 11.63 -28.77 15.05
C LEU B 406 10.33 -28.56 14.28
N GLU B 407 10.37 -27.81 13.16
CA GLU B 407 9.19 -27.56 12.34
C GLU B 407 8.88 -28.72 11.39
N GLY B 408 9.71 -29.77 11.38
CA GLY B 408 9.55 -30.86 10.43
C GLY B 408 10.02 -30.51 9.01
N MET B 409 10.91 -29.51 8.89
CA MET B 409 11.34 -29.01 7.59
C MET B 409 12.79 -29.46 7.36
N GLU B 410 12.96 -30.70 6.88
CA GLU B 410 14.26 -31.34 6.78
C GLU B 410 15.07 -30.73 5.64
N ALA B 411 14.43 -30.54 4.48
CA ALA B 411 15.09 -29.97 3.30
C ALA B 411 15.64 -28.57 3.63
N HIS B 412 14.85 -27.78 4.36
CA HIS B 412 15.29 -26.48 4.84
C HIS B 412 16.58 -26.62 5.65
N ALA B 413 16.55 -27.52 6.62
CA ALA B 413 17.68 -27.76 7.50
C ALA B 413 18.92 -28.15 6.69
N ARG B 414 18.73 -28.92 5.61
CA ARG B 414 19.83 -29.40 4.79
C ARG B 414 20.52 -28.26 4.04
N THR B 415 19.82 -27.15 3.75
CA THR B 415 20.47 -26.02 3.11
C THR B 415 21.47 -25.39 4.08
N ALA B 416 21.18 -25.48 5.38
CA ALA B 416 22.07 -25.00 6.42
C ALA B 416 23.23 -25.99 6.61
N ASP B 417 22.90 -27.29 6.70
CA ASP B 417 23.90 -28.34 6.77
C ASP B 417 24.95 -28.21 5.67
N ASP B 418 24.50 -27.96 4.43
CA ASP B 418 25.38 -27.98 3.26
C ASP B 418 26.38 -26.82 3.30
N ARG B 419 25.95 -25.66 3.81
CA ARG B 419 26.83 -24.53 3.96
C ARG B 419 27.80 -24.77 5.11
N MET B 420 27.33 -25.44 6.16
CA MET B 420 28.19 -25.67 7.32
C MET B 420 29.33 -26.58 6.91
N ALA B 421 29.01 -27.61 6.12
CA ALA B 421 30.00 -28.55 5.63
C ALA B 421 31.00 -27.86 4.70
N LYS B 422 30.50 -26.94 3.85
CA LYS B 422 31.36 -26.26 2.90
C LYS B 422 32.28 -25.23 3.56
N TYR B 423 31.77 -24.49 4.55
CA TYR B 423 32.52 -23.38 5.12
C TYR B 423 33.34 -23.81 6.34
N PHE B 424 32.85 -24.83 7.05
CA PHE B 424 33.43 -25.28 8.30
C PHE B 424 33.56 -26.80 8.28
N PRO B 425 34.45 -27.38 7.44
CA PRO B 425 34.44 -28.82 7.14
C PRO B 425 34.52 -29.83 8.28
N ASN B 426 35.24 -29.51 9.36
CA ASN B 426 35.40 -30.47 10.44
C ASN B 426 34.49 -30.14 11.61
N ALA B 427 33.59 -29.15 11.45
CA ALA B 427 32.74 -28.71 12.55
C ALA B 427 31.75 -29.82 12.92
N SER B 428 31.39 -29.88 14.21
CA SER B 428 30.32 -30.74 14.68
C SER B 428 29.43 -29.96 15.63
N PHE B 429 28.55 -29.14 15.05
CA PHE B 429 27.63 -28.31 15.81
C PHE B 429 26.32 -29.07 15.97
N GLU B 430 25.50 -28.66 16.93
CA GLU B 430 24.17 -29.21 17.09
C GLU B 430 23.25 -28.66 15.99
N MET B 431 22.92 -29.52 15.01
CA MET B 431 22.11 -29.11 13.88
C MET B 431 20.69 -29.67 14.01
N GLY B 432 20.40 -30.36 15.13
CA GLY B 432 19.06 -30.91 15.41
C GLY B 432 18.91 -32.33 14.86
N THR B 433 17.95 -33.10 15.40
CA THR B 433 17.74 -34.47 14.95
C THR B 433 17.04 -34.46 13.60
N PRO B 434 17.56 -35.20 12.58
CA PRO B 434 16.87 -35.32 11.31
C PRO B 434 15.43 -35.78 11.47
N VAL B 435 14.58 -35.25 10.58
CA VAL B 435 13.18 -35.62 10.46
C VAL B 435 13.13 -36.97 9.76
N GLU B 436 12.40 -37.91 10.36
CA GLU B 436 12.19 -39.24 9.78
C GLU B 436 10.79 -39.34 9.17
N VAL B 437 9.87 -38.48 9.62
CA VAL B 437 8.47 -38.48 9.19
C VAL B 437 8.38 -37.90 7.77
#